data_7DJS
#
_entry.id   7DJS
#
_cell.length_a   67.201
_cell.length_b   108.582
_cell.length_c   124.609
_cell.angle_alpha   90.000
_cell.angle_beta   90.000
_cell.angle_gamma   90.000
#
_symmetry.space_group_name_H-M   'P 21 21 21'
#
loop_
_entity.id
_entity.type
_entity.pdbx_description
1 polymer 'SDR family oxidoreductase'
2 non-polymer NICOTINAMIDE-ADENINE-DINUCLEOTIDE
3 water water
#
_entity_poly.entity_id   1
_entity_poly.type   'polypeptide(L)'
_entity_poly.pdbx_seq_one_letter_code
;MGHHHHHHMSKLLSGQVALVTGGAAGIGRATAQAFAAAGVKVVVADLDSAGGEGTVEAIRQAGGEAVFIRCDVTRDAEVK
ALVEGCAAAYGRLDYAFNNAGIEIEQGKLADGNEAEFDAIMAVNVKGVWLCMKHQIPLMLAQGGGAIVNTASVAGLGAAP
KMSIYAASKHAVIGLTKSAAIEYAKKGIRVNAVCPAVIDTDMFRRAYEADPRKAEFAAAMHPLGRVGRVEEIAAAVLYLC
SDNAGFTTGIALPVDGGATAI
;
_entity_poly.pdbx_strand_id   A,B,C,D
#
# COMPACT_ATOMS: atom_id res chain seq x y z
N LEU A 12 27.03 9.16 -7.06
CA LEU A 12 28.02 9.95 -6.34
C LEU A 12 27.38 10.59 -5.10
N LEU A 13 28.21 10.72 -4.07
CA LEU A 13 27.82 11.25 -2.77
C LEU A 13 28.74 12.41 -2.43
N SER A 14 28.18 13.60 -2.23
CA SER A 14 28.99 14.78 -1.94
C SER A 14 29.21 15.01 -0.45
N GLY A 15 28.43 14.36 0.40
CA GLY A 15 28.64 14.47 1.82
C GLY A 15 29.95 13.83 2.25
N GLN A 16 30.42 14.25 3.42
CA GLN A 16 31.72 13.84 3.89
C GLN A 16 31.68 12.74 4.94
N VAL A 17 30.60 12.63 5.72
CA VAL A 17 30.58 11.78 6.92
C VAL A 17 29.31 10.96 6.98
N ALA A 18 29.45 9.66 7.21
CA ALA A 18 28.32 8.76 7.41
C ALA A 18 28.45 8.04 8.75
N LEU A 19 27.30 7.78 9.37
CA LEU A 19 27.20 6.98 10.57
C LEU A 19 26.40 5.74 10.23
N VAL A 20 26.90 4.56 10.60
CA VAL A 20 26.19 3.30 10.40
C VAL A 20 26.04 2.63 11.75
N THR A 21 24.79 2.46 12.21
CA THR A 21 24.59 1.67 13.42
C THR A 21 24.37 0.21 13.03
N GLY A 22 24.65 -0.69 13.96
CA GLY A 22 24.71 -2.10 13.62
C GLY A 22 25.76 -2.40 12.58
N GLY A 23 26.87 -1.65 12.57
CA GLY A 23 27.90 -1.80 11.55
C GLY A 23 28.91 -2.91 11.77
N ALA A 24 28.77 -3.72 12.83
CA ALA A 24 29.74 -4.77 13.10
C ALA A 24 29.59 -5.99 12.20
N ALA A 25 28.46 -6.12 11.49
CA ALA A 25 28.18 -7.36 10.79
C ALA A 25 27.16 -7.10 9.69
N GLY A 26 27.05 -8.07 8.79
CA GLY A 26 25.88 -8.16 7.90
C GLY A 26 25.65 -6.92 7.06
N ILE A 27 24.40 -6.48 7.04
CA ILE A 27 24.01 -5.37 6.18
C ILE A 27 24.77 -4.11 6.59
N GLY A 28 24.94 -3.91 7.89
CA GLY A 28 25.59 -2.70 8.37
C GLY A 28 27.06 -2.66 7.99
N ARG A 29 27.74 -3.79 8.12
CA ARG A 29 29.14 -3.82 7.71
C ARG A 29 29.28 -3.54 6.23
N ALA A 30 28.43 -4.17 5.41
CA ALA A 30 28.57 -3.97 3.96
C ALA A 30 28.27 -2.54 3.57
N THR A 31 27.30 -1.90 4.24
CA THR A 31 26.95 -0.53 3.88
C THR A 31 28.03 0.43 4.36
N ALA A 32 28.60 0.19 5.53
CA ALA A 32 29.76 0.97 5.96
C ALA A 32 30.86 0.92 4.92
N GLN A 33 31.18 -0.30 4.44
CA GLN A 33 32.23 -0.44 3.43
C GLN A 33 31.86 0.29 2.14
N ALA A 34 30.57 0.28 1.78
CA ALA A 34 30.14 0.93 0.55
C ALA A 34 30.24 2.45 0.65
N PHE A 35 29.83 3.03 1.79
CA PHE A 35 30.03 4.45 2.02
C PHE A 35 31.51 4.80 1.87
N ALA A 36 32.39 4.00 2.49
CA ALA A 36 33.81 4.33 2.44
C ALA A 36 34.34 4.21 1.03
N ALA A 37 33.84 3.25 0.26
CA ALA A 37 34.26 3.10 -1.14
C ALA A 37 33.86 4.31 -1.97
N ALA A 38 32.76 4.96 -1.60
CA ALA A 38 32.31 6.18 -2.25
C ALA A 38 33.06 7.42 -1.77
N GLY A 39 34.08 7.25 -0.94
CA GLY A 39 34.90 8.36 -0.47
C GLY A 39 34.42 9.02 0.81
N VAL A 40 33.42 8.47 1.47
CA VAL A 40 32.82 9.06 2.66
C VAL A 40 33.56 8.53 3.89
N LYS A 41 33.77 9.39 4.89
CA LYS A 41 34.33 8.94 6.16
C LYS A 41 33.23 8.31 6.99
N VAL A 42 33.49 7.15 7.60
CA VAL A 42 32.43 6.36 8.21
C VAL A 42 32.68 6.19 9.70
N VAL A 43 31.67 6.50 10.51
CA VAL A 43 31.63 6.09 11.91
C VAL A 43 30.82 4.79 11.99
N VAL A 44 31.46 3.73 12.49
CA VAL A 44 30.82 2.43 12.66
C VAL A 44 30.38 2.31 14.13
N ALA A 45 29.10 2.04 14.36
CA ALA A 45 28.59 1.93 15.73
C ALA A 45 27.91 0.58 15.94
N ASP A 46 28.22 -0.06 17.07
CA ASP A 46 27.64 -1.36 17.39
C ASP A 46 27.92 -1.66 18.85
N LEU A 47 27.18 -2.64 19.38
CA LEU A 47 27.52 -3.26 20.67
C LEU A 47 28.69 -4.20 20.54
N ASP A 48 28.87 -4.81 19.37
CA ASP A 48 29.88 -5.83 19.11
C ASP A 48 31.17 -5.10 18.73
N SER A 49 32.05 -4.93 19.71
CA SER A 49 33.29 -4.19 19.48
C SER A 49 34.21 -4.93 18.52
N ALA A 50 34.35 -6.25 18.68
CA ALA A 50 35.26 -6.99 17.80
C ALA A 50 34.80 -6.91 16.35
N GLY A 51 33.50 -7.13 16.12
CA GLY A 51 32.98 -7.00 14.76
C GLY A 51 33.08 -5.58 14.25
N GLY A 52 32.77 -4.60 15.11
CA GLY A 52 32.83 -3.21 14.68
C GLY A 52 34.23 -2.76 14.33
N GLU A 53 35.21 -3.14 15.16
CA GLU A 53 36.60 -2.86 14.79
C GLU A 53 36.98 -3.62 13.53
N GLY A 54 36.43 -4.81 13.33
CA GLY A 54 36.68 -5.55 12.11
C GLY A 54 36.19 -4.82 10.86
N THR A 55 35.01 -4.20 10.94
CA THR A 55 34.53 -3.40 9.83
C THR A 55 35.47 -2.23 9.53
N VAL A 56 35.90 -1.54 10.59
CA VAL A 56 36.79 -0.39 10.41
C VAL A 56 38.12 -0.84 9.83
N GLU A 57 38.65 -1.96 10.32
CA GLU A 57 39.90 -2.50 9.80
C GLU A 57 39.79 -2.79 8.30
N ALA A 58 38.69 -3.40 7.87
CA ALA A 58 38.50 -3.69 6.46
C ALA A 58 38.43 -2.42 5.63
N ILE A 59 37.73 -1.40 6.13
CA ILE A 59 37.64 -0.13 5.42
C ILE A 59 39.02 0.50 5.27
N ARG A 60 39.78 0.53 6.37
CA ARG A 60 41.10 1.15 6.33
C ARG A 60 42.03 0.36 5.43
N GLN A 61 41.93 -0.98 5.45
CA GLN A 61 42.80 -1.81 4.63
C GLN A 61 42.58 -1.58 3.14
N ALA A 62 41.40 -1.11 2.75
CA ALA A 62 41.11 -0.79 1.36
C ALA A 62 41.38 0.68 1.04
N GLY A 63 41.92 1.44 1.97
CA GLY A 63 42.27 2.82 1.72
C GLY A 63 41.27 3.84 2.19
N GLY A 64 40.21 3.44 2.87
CA GLY A 64 39.19 4.36 3.33
C GLY A 64 39.46 4.88 4.73
N GLU A 65 38.55 5.72 5.22
CA GLU A 65 38.65 6.31 6.54
C GLU A 65 37.42 5.93 7.37
N ALA A 66 37.66 5.40 8.57
CA ALA A 66 36.58 5.00 9.43
C ALA A 66 37.06 4.95 10.87
N VAL A 67 36.12 5.01 11.81
CA VAL A 67 36.40 4.81 13.23
C VAL A 67 35.25 4.02 13.85
N PHE A 68 35.56 3.27 14.90
CA PHE A 68 34.52 2.54 15.63
C PHE A 68 34.21 3.26 16.93
N ILE A 69 32.92 3.41 17.23
CA ILE A 69 32.44 3.93 18.49
C ILE A 69 31.41 2.95 19.02
N ARG A 70 31.69 2.34 20.18
CA ARG A 70 30.75 1.40 20.76
C ARG A 70 29.49 2.14 21.21
N CYS A 71 28.33 1.60 20.85
CA CYS A 71 27.09 2.26 21.25
C CYS A 71 25.99 1.23 21.39
N ASP A 72 25.29 1.28 22.52
CA ASP A 72 24.01 0.58 22.69
C ASP A 72 22.89 1.55 22.31
N VAL A 73 22.26 1.33 21.14
CA VAL A 73 21.30 2.30 20.65
C VAL A 73 20.03 2.37 21.48
N THR A 74 19.84 1.48 22.46
CA THR A 74 18.69 1.60 23.35
C THR A 74 18.88 2.64 24.44
N ARG A 75 20.07 3.23 24.56
CA ARG A 75 20.43 4.11 25.67
C ARG A 75 20.64 5.53 25.16
N ASP A 76 19.74 6.44 25.57
CA ASP A 76 19.77 7.82 25.09
C ASP A 76 21.16 8.44 25.21
N ALA A 77 21.80 8.27 26.38
CA ALA A 77 23.09 8.94 26.59
C ALA A 77 24.17 8.40 25.66
N GLU A 78 24.13 7.11 25.37
CA GLU A 78 25.11 6.51 24.46
C GLU A 78 24.88 7.02 23.04
N VAL A 79 23.62 7.16 22.64
CA VAL A 79 23.35 7.67 21.29
C VAL A 79 23.78 9.12 21.17
N LYS A 80 23.47 9.93 22.20
CA LYS A 80 23.95 11.31 22.21
C LYS A 80 25.46 11.37 22.06
N ALA A 81 26.17 10.59 22.86
CA ALA A 81 27.63 10.60 22.78
C ALA A 81 28.11 10.12 21.42
N LEU A 82 27.41 9.14 20.84
CA LEU A 82 27.80 8.62 19.52
C LEU A 82 27.70 9.71 18.45
N VAL A 83 26.58 10.43 18.42
CA VAL A 83 26.40 11.46 17.40
C VAL A 83 27.42 12.57 17.58
N GLU A 84 27.60 13.04 18.82
CA GLU A 84 28.66 14.03 19.04
C GLU A 84 30.03 13.47 18.68
N GLY A 85 30.24 12.17 18.89
CA GLY A 85 31.52 11.56 18.51
C GLY A 85 31.76 11.61 17.02
N CYS A 86 30.69 11.59 16.22
CA CYS A 86 30.82 11.75 14.78
C CYS A 86 31.39 13.12 14.47
N ALA A 87 30.83 14.16 15.10
CA ALA A 87 31.32 15.51 14.87
C ALA A 87 32.72 15.69 15.42
N ALA A 88 33.01 15.08 16.57
CA ALA A 88 34.36 15.21 17.13
C ALA A 88 35.40 14.55 16.24
N ALA A 89 35.05 13.43 15.62
CA ALA A 89 36.02 12.72 14.79
C ALA A 89 36.19 13.38 13.43
N TYR A 90 35.08 13.81 12.80
CA TYR A 90 35.09 14.17 11.39
C TYR A 90 34.41 15.50 11.07
N GLY A 91 33.81 16.17 12.06
CA GLY A 91 33.40 17.56 11.92
C GLY A 91 31.94 17.81 11.59
N ARG A 92 31.18 16.79 11.18
CA ARG A 92 29.82 16.96 10.68
C ARG A 92 29.22 15.58 10.54
N LEU A 93 27.94 15.52 10.15
CA LEU A 93 27.32 14.21 9.91
C LEU A 93 26.31 14.38 8.77
N ASP A 94 26.64 13.83 7.61
CA ASP A 94 25.81 14.02 6.43
C ASP A 94 24.81 12.89 6.18
N TYR A 95 25.19 11.66 6.54
CA TYR A 95 24.41 10.47 6.23
C TYR A 95 24.29 9.62 7.48
N ALA A 96 23.10 9.07 7.71
CA ALA A 96 22.95 8.14 8.83
C ALA A 96 22.16 6.94 8.37
N PHE A 97 22.69 5.74 8.68
CA PHE A 97 22.03 4.47 8.36
C PHE A 97 21.74 3.82 9.70
N ASN A 98 20.47 3.90 10.14
CA ASN A 98 20.04 3.40 11.44
C ASN A 98 19.57 1.98 11.25
N ASN A 99 20.51 1.06 11.43
CA ASN A 99 20.39 -0.30 10.97
C ASN A 99 20.47 -1.34 12.09
N ALA A 100 20.91 -0.95 13.29
CA ALA A 100 20.93 -1.88 14.41
C ALA A 100 19.53 -2.46 14.63
N GLY A 101 19.47 -3.77 14.86
CA GLY A 101 18.18 -4.40 15.06
C GLY A 101 18.37 -5.82 15.55
N ILE A 102 17.31 -6.38 16.12
CA ILE A 102 17.32 -7.77 16.58
C ILE A 102 16.05 -8.47 16.14
N GLU A 103 16.13 -9.79 16.08
CA GLU A 103 15.00 -10.64 15.70
C GLU A 103 15.14 -11.90 16.54
N ILE A 104 14.25 -12.09 17.52
CA ILE A 104 14.51 -13.11 18.55
C ILE A 104 13.26 -13.91 18.89
N GLU A 105 12.12 -13.61 18.27
CA GLU A 105 10.89 -14.30 18.63
C GLU A 105 10.93 -15.77 18.23
N GLN A 106 10.18 -16.58 18.96
CA GLN A 106 10.12 -18.01 18.67
C GLN A 106 8.71 -18.56 18.53
N GLY A 107 7.67 -17.73 18.63
CA GLY A 107 6.32 -18.25 18.55
C GLY A 107 5.32 -17.27 17.98
N LYS A 108 4.11 -17.77 17.77
CA LYS A 108 2.98 -16.92 17.39
C LYS A 108 2.70 -15.90 18.50
N LEU A 109 1.88 -14.90 18.17
CA LEU A 109 1.71 -13.75 19.07
C LEU A 109 1.38 -14.19 20.49
N ALA A 110 0.40 -15.08 20.64
CA ALA A 110 -0.04 -15.42 21.99
C ALA A 110 0.99 -16.21 22.76
N ASP A 111 2.04 -16.67 22.10
CA ASP A 111 3.09 -17.47 22.73
C ASP A 111 4.34 -16.67 23.08
N GLY A 112 4.40 -15.40 22.72
CA GLY A 112 5.53 -14.57 23.07
C GLY A 112 5.53 -14.16 24.53
N ASN A 113 6.58 -13.47 24.94
CA ASN A 113 6.66 -12.99 26.31
C ASN A 113 7.09 -11.53 26.34
N GLU A 114 6.83 -10.92 27.49
CA GLU A 114 7.01 -9.47 27.63
C GLU A 114 8.48 -9.07 27.53
N ALA A 115 9.40 -9.95 27.97
CA ALA A 115 10.81 -9.63 27.85
C ALA A 115 11.22 -9.54 26.39
N GLU A 116 10.74 -10.47 25.56
CA GLU A 116 11.00 -10.39 24.12
C GLU A 116 10.40 -9.12 23.55
N PHE A 117 9.16 -8.80 23.91
CA PHE A 117 8.54 -7.56 23.44
C PHE A 117 9.41 -6.36 23.78
N ASP A 118 9.82 -6.25 25.05
CA ASP A 118 10.59 -5.09 25.49
C ASP A 118 11.90 -4.97 24.74
N ALA A 119 12.58 -6.10 24.51
CA ALA A 119 13.91 -6.06 23.91
C ALA A 119 13.83 -5.67 22.45
N ILE A 120 12.88 -6.23 21.72
CA ILE A 120 12.74 -5.93 20.29
C ILE A 120 12.33 -4.48 20.10
N MET A 121 11.34 -4.03 20.86
CA MET A 121 10.87 -2.65 20.74
C MET A 121 11.98 -1.66 21.12
N ALA A 122 12.79 -2.03 22.11
CA ALA A 122 13.85 -1.12 22.56
C ALA A 122 14.89 -0.91 21.45
N VAL A 123 15.36 -1.99 20.82
CA VAL A 123 16.37 -1.81 19.78
C VAL A 123 15.76 -1.29 18.51
N ASN A 124 14.68 -1.93 18.04
CA ASN A 124 14.22 -1.71 16.68
C ASN A 124 13.42 -0.42 16.53
N VAL A 125 12.72 0.02 17.57
CA VAL A 125 11.94 1.26 17.53
C VAL A 125 12.62 2.36 18.32
N LYS A 126 12.83 2.14 19.63
CA LYS A 126 13.47 3.20 20.40
C LYS A 126 14.86 3.53 19.85
N GLY A 127 15.63 2.52 19.47
CA GLY A 127 16.96 2.78 18.92
C GLY A 127 16.91 3.67 17.70
N VAL A 128 16.00 3.40 16.77
CA VAL A 128 15.88 4.24 15.58
C VAL A 128 15.42 5.65 15.96
N TRP A 129 14.43 5.74 16.87
CA TRP A 129 13.91 7.04 17.29
C TRP A 129 15.00 7.87 17.97
N LEU A 130 15.75 7.26 18.91
CA LEU A 130 16.84 7.97 19.57
C LEU A 130 17.89 8.43 18.57
N CYS A 131 18.28 7.53 17.66
CA CYS A 131 19.28 7.90 16.66
C CYS A 131 18.80 9.08 15.83
N MET A 132 17.56 9.03 15.33
CA MET A 132 17.06 10.13 14.54
C MET A 132 16.97 11.41 15.35
N LYS A 133 16.51 11.32 16.61
CA LYS A 133 16.30 12.55 17.37
C LYS A 133 17.62 13.25 17.66
N HIS A 134 18.74 12.53 17.70
CA HIS A 134 20.01 13.20 17.90
C HIS A 134 20.80 13.44 16.63
N GLN A 135 20.46 12.74 15.53
CA GLN A 135 21.06 13.09 14.24
C GLN A 135 20.47 14.38 13.67
N ILE A 136 19.14 14.56 13.84
CA ILE A 136 18.46 15.67 13.17
C ILE A 136 19.02 17.04 13.55
N PRO A 137 19.35 17.34 14.81
CA PRO A 137 19.90 18.67 15.11
C PRO A 137 21.15 19.03 14.33
N LEU A 138 22.10 18.10 14.19
CA LEU A 138 23.27 18.38 13.37
C LEU A 138 22.86 18.64 11.93
N MET A 139 21.96 17.83 11.39
CA MET A 139 21.57 18.03 10.00
C MET A 139 20.79 19.34 9.84
N LEU A 140 20.02 19.74 10.84
CA LEU A 140 19.35 21.05 10.79
C LEU A 140 20.36 22.18 10.64
N ALA A 141 21.39 22.17 11.49
CA ALA A 141 22.42 23.21 11.43
C ALA A 141 23.14 23.20 10.10
N GLN A 142 23.31 22.03 9.48
CA GLN A 142 23.95 21.90 8.18
C GLN A 142 23.05 22.27 7.01
N GLY A 143 21.77 22.47 7.23
CA GLY A 143 20.87 22.64 6.11
C GLY A 143 20.55 21.37 5.38
N GLY A 144 20.85 20.21 5.94
CA GLY A 144 20.41 18.98 5.33
C GLY A 144 21.20 17.75 5.72
N GLY A 145 20.74 16.64 5.19
CA GLY A 145 21.31 15.35 5.47
C GLY A 145 20.37 14.30 4.92
N ALA A 146 20.84 13.06 4.94
CA ALA A 146 20.02 11.94 4.50
C ALA A 146 20.07 10.84 5.55
N ILE A 147 18.89 10.40 5.97
CA ILE A 147 18.74 9.34 6.96
C ILE A 147 18.08 8.16 6.25
N VAL A 148 18.64 6.97 6.45
CA VAL A 148 18.01 5.74 5.98
C VAL A 148 17.86 4.83 7.18
N ASN A 149 16.64 4.34 7.40
CA ASN A 149 16.36 3.41 8.49
C ASN A 149 16.13 2.03 7.90
N THR A 150 16.63 1.00 8.57
CA THR A 150 16.38 -0.37 8.11
C THR A 150 15.03 -0.81 8.64
N ALA A 151 14.04 -0.90 7.75
CA ALA A 151 12.78 -1.53 8.10
C ALA A 151 12.87 -2.98 7.66
N SER A 152 11.89 -3.45 6.90
CA SER A 152 11.83 -4.86 6.52
C SER A 152 10.57 -5.01 5.69
N VAL A 153 10.51 -6.09 4.89
CA VAL A 153 9.22 -6.44 4.34
C VAL A 153 8.24 -6.73 5.46
N ALA A 154 8.73 -7.07 6.65
CA ALA A 154 7.87 -7.21 7.82
C ALA A 154 7.31 -5.87 8.31
N GLY A 155 7.80 -4.75 7.78
CA GLY A 155 7.16 -3.49 8.07
C GLY A 155 6.10 -3.11 7.07
N LEU A 156 5.90 -3.93 6.04
CA LEU A 156 4.92 -3.71 4.99
C LEU A 156 3.81 -4.76 4.98
N GLY A 157 3.90 -5.78 5.83
CA GLY A 157 2.94 -6.85 5.81
C GLY A 157 3.19 -7.78 6.98
N ALA A 158 2.41 -8.86 7.01
CA ALA A 158 2.49 -9.79 8.13
C ALA A 158 3.85 -10.48 8.19
N ALA A 159 4.26 -10.86 9.39
CA ALA A 159 5.42 -11.73 9.60
C ALA A 159 5.02 -12.80 10.59
N PRO A 160 4.43 -13.90 10.12
CA PRO A 160 3.98 -14.95 11.04
C PRO A 160 5.12 -15.49 11.88
N LYS A 161 4.85 -15.71 13.17
CA LYS A 161 5.81 -16.12 14.18
C LYS A 161 6.86 -15.06 14.44
N MET A 162 6.65 -13.83 13.94
CA MET A 162 7.52 -12.70 14.22
C MET A 162 6.67 -11.44 14.34
N SER A 163 5.55 -11.54 15.08
CA SER A 163 4.58 -10.44 15.13
C SER A 163 5.16 -9.21 15.81
N ILE A 164 5.97 -9.40 16.86
CA ILE A 164 6.57 -8.23 17.52
C ILE A 164 7.56 -7.57 16.58
N TYR A 165 8.38 -8.38 15.91
CA TYR A 165 9.31 -7.86 14.92
C TYR A 165 8.58 -7.07 13.84
N ALA A 166 7.47 -7.62 13.33
CA ALA A 166 6.70 -6.89 12.32
C ALA A 166 6.17 -5.58 12.88
N ALA A 167 5.64 -5.60 14.10
CA ALA A 167 5.19 -4.36 14.72
C ALA A 167 6.32 -3.35 14.77
N SER A 168 7.53 -3.80 15.13
CA SER A 168 8.64 -2.88 15.27
C SER A 168 9.06 -2.30 13.92
N LYS A 169 9.03 -3.10 12.87
CA LYS A 169 9.48 -2.59 11.58
C LYS A 169 8.41 -1.73 10.91
N HIS A 170 7.13 -2.03 11.16
CA HIS A 170 6.08 -1.08 10.82
C HIS A 170 6.32 0.26 11.50
N ALA A 171 6.66 0.22 12.80
CA ALA A 171 6.90 1.46 13.54
C ALA A 171 8.04 2.26 12.94
N VAL A 172 9.10 1.58 12.47
CA VAL A 172 10.20 2.28 11.80
C VAL A 172 9.68 3.06 10.60
N ILE A 173 8.77 2.46 9.83
CA ILE A 173 8.21 3.17 8.68
C ILE A 173 7.41 4.39 9.11
N GLY A 174 6.65 4.28 10.20
CA GLY A 174 5.92 5.43 10.73
C GLY A 174 6.85 6.55 11.17
N LEU A 175 7.93 6.20 11.87
CA LEU A 175 8.93 7.23 12.21
C LEU A 175 9.51 7.86 10.96
N THR A 176 9.82 7.04 9.96
CA THR A 176 10.46 7.50 8.74
C THR A 176 9.58 8.49 7.99
N LYS A 177 8.33 8.11 7.73
CA LYS A 177 7.46 8.98 6.96
C LYS A 177 7.16 10.26 7.72
N SER A 178 6.96 10.16 9.03
CA SER A 178 6.62 11.34 9.81
C SER A 178 7.78 12.33 9.83
N ALA A 179 9.00 11.85 10.09
CA ALA A 179 10.15 12.74 10.07
C ALA A 179 10.39 13.31 8.69
N ALA A 180 10.15 12.51 7.63
CA ALA A 180 10.37 13.02 6.28
C ALA A 180 9.48 14.23 6.01
N ILE A 181 8.23 14.18 6.45
CA ILE A 181 7.34 15.32 6.22
C ILE A 181 7.72 16.48 7.13
N GLU A 182 8.07 16.19 8.38
CA GLU A 182 8.39 17.26 9.33
C GLU A 182 9.56 18.09 8.86
N TYR A 183 10.58 17.46 8.26
CA TYR A 183 11.83 18.14 7.95
C TYR A 183 12.07 18.29 6.46
N ALA A 184 11.02 18.09 5.64
CA ALA A 184 11.16 18.11 4.19
C ALA A 184 11.70 19.44 3.69
N LYS A 185 11.29 20.55 4.31
CA LYS A 185 11.76 21.86 3.89
C LYS A 185 13.06 22.27 4.56
N LYS A 186 13.63 21.41 5.41
CA LYS A 186 14.90 21.70 6.06
C LYS A 186 16.04 20.90 5.45
N GLY A 187 15.83 20.27 4.30
CA GLY A 187 16.87 19.56 3.58
C GLY A 187 17.20 18.19 4.11
N ILE A 188 16.43 17.66 5.05
CA ILE A 188 16.70 16.36 5.65
C ILE A 188 15.77 15.36 5.01
N ARG A 189 16.31 14.45 4.20
CA ARG A 189 15.52 13.38 3.61
C ARG A 189 15.58 12.18 4.54
N VAL A 190 14.45 11.48 4.64
CA VAL A 190 14.33 10.33 5.55
C VAL A 190 13.63 9.23 4.77
N ASN A 191 14.29 8.08 4.63
CA ASN A 191 13.73 6.97 3.88
C ASN A 191 13.99 5.68 4.65
N ALA A 192 13.29 4.63 4.25
CA ALA A 192 13.50 3.30 4.83
C ALA A 192 13.80 2.31 3.73
N VAL A 193 14.79 1.46 3.96
CA VAL A 193 15.01 0.31 3.09
C VAL A 193 14.32 -0.90 3.72
N CYS A 194 13.66 -1.71 2.91
CA CYS A 194 12.83 -2.82 3.39
C CYS A 194 13.34 -4.13 2.80
N PRO A 195 14.36 -4.73 3.42
CA PRO A 195 14.85 -6.02 2.92
C PRO A 195 13.87 -7.15 3.22
N ALA A 196 13.83 -8.13 2.32
CA ALA A 196 13.28 -9.42 2.67
C ALA A 196 14.39 -10.21 3.34
N VAL A 197 14.48 -11.51 3.10
CA VAL A 197 15.54 -12.28 3.74
C VAL A 197 16.87 -11.99 3.04
N ILE A 198 17.88 -11.63 3.84
CA ILE A 198 19.21 -11.32 3.35
C ILE A 198 20.19 -12.29 4.00
N ASP A 199 21.18 -12.73 3.23
CA ASP A 199 22.11 -13.75 3.72
C ASP A 199 23.11 -13.13 4.69
N THR A 200 22.72 -13.07 5.96
CA THR A 200 23.55 -12.59 7.05
C THR A 200 23.55 -13.62 8.17
N ASP A 201 24.23 -13.29 9.27
CA ASP A 201 24.19 -14.17 10.45
C ASP A 201 22.80 -14.20 11.07
N MET A 202 22.03 -13.11 10.96
CA MET A 202 20.65 -13.15 11.42
C MET A 202 19.85 -14.19 10.66
N PHE A 203 20.22 -14.48 9.40
CA PHE A 203 19.52 -15.50 8.63
C PHE A 203 20.04 -16.88 8.96
N ARG A 204 21.37 -17.06 8.95
CA ARG A 204 21.94 -18.38 9.24
C ARG A 204 21.79 -18.76 10.70
N ARG A 205 21.54 -17.79 11.58
CA ARG A 205 21.10 -18.11 12.94
C ARG A 205 19.75 -18.80 12.92
N ALA A 206 18.80 -18.24 12.15
CA ALA A 206 17.45 -18.79 12.10
C ALA A 206 17.41 -20.22 11.57
N TYR A 207 18.48 -20.68 10.94
CA TYR A 207 18.67 -22.10 10.68
C TYR A 207 20.05 -22.52 11.18
N ALA A 219 10.55 -19.67 -3.71
CA ALA A 219 10.81 -20.24 -2.39
C ALA A 219 10.74 -19.13 -1.36
N MET A 220 9.53 -18.56 -1.23
CA MET A 220 9.20 -17.37 -0.44
C MET A 220 9.63 -16.09 -1.17
N HIS A 221 10.72 -16.15 -1.94
CA HIS A 221 11.12 -15.03 -2.79
C HIS A 221 10.92 -15.42 -4.24
N PRO A 222 10.15 -14.64 -5.00
CA PRO A 222 9.96 -14.97 -6.42
C PRO A 222 11.25 -15.14 -7.20
N LEU A 223 12.32 -14.43 -6.86
CA LEU A 223 13.56 -14.58 -7.60
C LEU A 223 14.21 -15.93 -7.38
N GLY A 224 13.88 -16.63 -6.30
CA GLY A 224 14.44 -17.95 -6.04
C GLY A 224 15.70 -17.99 -5.21
N ARG A 225 16.11 -16.86 -4.64
CA ARG A 225 17.26 -16.80 -3.76
C ARG A 225 16.98 -15.74 -2.72
N VAL A 226 17.80 -15.72 -1.67
CA VAL A 226 17.73 -14.64 -0.70
C VAL A 226 18.64 -13.52 -1.17
N GLY A 227 18.50 -12.33 -0.56
CA GLY A 227 19.28 -11.18 -0.99
C GLY A 227 20.70 -11.20 -0.49
N ARG A 228 21.50 -10.29 -1.03
CA ARG A 228 22.91 -10.18 -0.67
C ARG A 228 23.10 -8.86 0.06
N VAL A 229 24.06 -8.82 0.99
CA VAL A 229 24.24 -7.61 1.78
C VAL A 229 24.57 -6.42 0.90
N GLU A 230 25.31 -6.64 -0.19
CA GLU A 230 25.68 -5.51 -1.04
C GLU A 230 24.49 -4.96 -1.82
N GLU A 231 23.43 -5.75 -1.97
CA GLU A 231 22.22 -5.25 -2.60
C GLU A 231 21.50 -4.27 -1.68
N ILE A 232 21.49 -4.55 -0.38
CA ILE A 232 20.93 -3.57 0.55
C ILE A 232 21.80 -2.34 0.59
N ALA A 233 23.12 -2.52 0.65
CA ALA A 233 24.02 -1.38 0.69
C ALA A 233 23.81 -0.45 -0.50
N ALA A 234 23.65 -1.02 -1.69
CA ALA A 234 23.48 -0.20 -2.89
C ALA A 234 22.19 0.60 -2.81
N ALA A 235 21.14 0.03 -2.22
CA ALA A 235 19.89 0.78 -2.07
C ALA A 235 20.05 1.93 -1.08
N VAL A 236 20.79 1.68 0.02
CA VAL A 236 21.08 2.77 0.96
C VAL A 236 21.86 3.87 0.26
N LEU A 237 22.86 3.51 -0.53
CA LEU A 237 23.66 4.54 -1.18
C LEU A 237 22.85 5.30 -2.22
N TYR A 238 21.93 4.64 -2.93
CA TYR A 238 21.04 5.39 -3.82
C TYR A 238 20.24 6.42 -3.02
N LEU A 239 19.65 5.99 -1.91
CA LEU A 239 18.84 6.90 -1.12
C LEU A 239 19.65 8.04 -0.53
N CYS A 240 20.95 7.84 -0.34
CA CYS A 240 21.82 8.92 0.14
C CYS A 240 22.45 9.74 -0.98
N SER A 241 22.22 9.41 -2.25
CA SER A 241 23.00 10.00 -3.32
C SER A 241 22.56 11.44 -3.62
N ASP A 242 23.48 12.19 -4.24
CA ASP A 242 23.20 13.61 -4.52
C ASP A 242 21.95 13.77 -5.38
N ASN A 243 21.74 12.88 -6.35
CA ASN A 243 20.58 12.98 -7.23
C ASN A 243 19.35 12.28 -6.67
N ALA A 244 19.37 11.89 -5.40
CA ALA A 244 18.16 11.43 -4.73
C ALA A 244 17.48 12.54 -3.93
N GLY A 245 17.71 13.80 -4.29
CA GLY A 245 17.23 14.91 -3.49
C GLY A 245 15.73 15.09 -3.49
N PHE A 246 15.03 14.47 -4.45
CA PHE A 246 13.58 14.46 -4.50
C PHE A 246 12.99 13.18 -3.91
N THR A 247 13.81 12.30 -3.33
CA THR A 247 13.34 11.03 -2.80
C THR A 247 13.31 11.09 -1.28
N THR A 248 12.11 11.13 -0.71
CA THR A 248 11.99 11.20 0.74
C THR A 248 10.65 10.62 1.16
N GLY A 249 10.64 10.05 2.38
CA GLY A 249 9.44 9.46 2.93
C GLY A 249 9.02 8.14 2.32
N ILE A 250 9.93 7.43 1.64
CA ILE A 250 9.55 6.19 0.98
C ILE A 250 10.07 5.00 1.77
N ALA A 251 9.39 3.87 1.56
CA ALA A 251 9.83 2.56 2.01
C ALA A 251 10.21 1.76 0.77
N LEU A 252 11.50 1.52 0.58
CA LEU A 252 12.01 0.92 -0.65
C LEU A 252 12.18 -0.57 -0.44
N PRO A 253 11.32 -1.42 -1.01
CA PRO A 253 11.48 -2.87 -0.83
C PRO A 253 12.63 -3.39 -1.69
N VAL A 254 13.52 -4.14 -1.04
CA VAL A 254 14.60 -4.85 -1.71
C VAL A 254 14.37 -6.31 -1.34
N ASP A 255 13.56 -7.00 -2.14
CA ASP A 255 12.91 -8.20 -1.63
C ASP A 255 12.72 -9.31 -2.66
N GLY A 256 13.35 -9.23 -3.82
CA GLY A 256 13.21 -10.28 -4.83
C GLY A 256 11.80 -10.48 -5.33
N GLY A 257 10.94 -9.50 -5.13
CA GLY A 257 9.55 -9.57 -5.56
C GLY A 257 8.56 -9.90 -4.47
N ALA A 258 9.02 -10.09 -3.23
CA ALA A 258 8.14 -10.64 -2.19
C ALA A 258 6.91 -9.78 -1.97
N THR A 259 7.06 -8.45 -1.95
CA THR A 259 5.90 -7.61 -1.64
C THR A 259 5.00 -7.38 -2.85
N ALA A 260 5.45 -7.74 -4.05
CA ALA A 260 4.64 -7.52 -5.24
C ALA A 260 3.51 -8.53 -5.37
N ILE A 261 3.58 -9.62 -4.62
CA ILE A 261 2.50 -10.61 -4.60
C ILE A 261 1.41 -10.18 -3.61
N LEU B 12 28.87 0.64 -12.76
CA LEU B 12 27.70 0.38 -11.92
C LEU B 12 26.54 -0.19 -12.75
N LEU B 13 26.63 -0.01 -14.07
CA LEU B 13 25.76 -0.67 -15.05
C LEU B 13 26.64 -1.44 -16.02
N SER B 14 26.56 -2.76 -15.98
CA SER B 14 27.37 -3.60 -16.86
C SER B 14 26.65 -3.99 -18.14
N GLY B 15 25.35 -3.77 -18.22
CA GLY B 15 24.65 -3.98 -19.47
C GLY B 15 25.15 -3.01 -20.54
N GLN B 16 24.99 -3.41 -21.79
CA GLN B 16 25.55 -2.64 -22.88
C GLN B 16 24.55 -1.75 -23.58
N VAL B 17 23.26 -2.10 -23.59
CA VAL B 17 22.29 -1.43 -24.45
C VAL B 17 21.03 -1.08 -23.67
N ALA B 18 20.60 0.17 -23.77
CA ALA B 18 19.34 0.63 -23.19
C ALA B 18 18.43 1.19 -24.27
N LEU B 19 17.14 0.93 -24.14
CA LEU B 19 16.10 1.55 -24.98
C LEU B 19 15.29 2.49 -24.11
N VAL B 20 15.04 3.71 -24.60
CA VAL B 20 14.22 4.68 -23.88
C VAL B 20 13.09 5.13 -24.80
N THR B 21 11.84 4.82 -24.43
CA THR B 21 10.74 5.38 -25.20
C THR B 21 10.33 6.72 -24.62
N GLY B 22 9.72 7.56 -25.45
CA GLY B 22 9.55 8.95 -25.08
C GLY B 22 10.86 9.69 -24.91
N GLY B 23 11.89 9.27 -25.63
CA GLY B 23 13.21 9.82 -25.43
C GLY B 23 13.47 11.15 -26.10
N ALA B 24 12.50 11.75 -26.78
CA ALA B 24 12.72 13.02 -27.49
C ALA B 24 12.71 14.24 -26.57
N ALA B 25 12.22 14.10 -25.34
CA ALA B 25 11.95 15.26 -24.49
C ALA B 25 11.91 14.83 -23.03
N GLY B 26 12.10 15.81 -22.15
CA GLY B 26 11.73 15.64 -20.75
C GLY B 26 12.47 14.53 -20.02
N ILE B 27 11.70 13.73 -19.27
CA ILE B 27 12.30 12.66 -18.47
C ILE B 27 13.00 11.66 -19.37
N GLY B 28 12.41 11.35 -20.52
CA GLY B 28 13.03 10.37 -21.41
C GLY B 28 14.35 10.85 -21.98
N ARG B 29 14.39 12.09 -22.47
CA ARG B 29 15.65 12.64 -22.95
C ARG B 29 16.70 12.62 -21.84
N ALA B 30 16.33 13.05 -20.64
CA ALA B 30 17.29 13.12 -19.55
C ALA B 30 17.80 11.72 -19.19
N THR B 31 16.92 10.73 -19.20
CA THR B 31 17.34 9.37 -18.83
C THR B 31 18.19 8.75 -19.92
N ALA B 32 17.85 9.00 -21.19
CA ALA B 32 18.72 8.56 -22.29
C ALA B 32 20.13 9.14 -22.12
N GLN B 33 20.21 10.43 -21.81
CA GLN B 33 21.51 11.06 -21.60
C GLN B 33 22.25 10.44 -20.43
N ALA B 34 21.53 10.10 -19.35
CA ALA B 34 22.17 9.50 -18.17
C ALA B 34 22.70 8.10 -18.47
N PHE B 35 21.88 7.28 -19.13
CA PHE B 35 22.37 5.97 -19.59
C PHE B 35 23.66 6.13 -20.39
N ALA B 36 23.67 7.05 -21.35
CA ALA B 36 24.82 7.18 -22.23
C ALA B 36 26.04 7.68 -21.47
N ALA B 37 25.82 8.57 -20.50
CA ALA B 37 26.92 9.07 -19.67
C ALA B 37 27.50 7.97 -18.79
N ALA B 38 26.71 6.94 -18.47
CA ALA B 38 27.20 5.78 -17.75
C ALA B 38 27.86 4.75 -18.68
N GLY B 39 28.05 5.09 -19.96
CA GLY B 39 28.70 4.20 -20.89
C GLY B 39 27.81 3.21 -21.59
N VAL B 40 26.49 3.32 -21.44
CA VAL B 40 25.56 2.40 -22.08
C VAL B 40 25.24 2.92 -23.48
N LYS B 41 25.07 2.03 -24.45
CA LYS B 41 24.61 2.44 -25.77
C LYS B 41 23.10 2.59 -25.74
N VAL B 42 22.57 3.68 -26.32
CA VAL B 42 21.17 4.03 -26.12
C VAL B 42 20.41 4.06 -27.43
N VAL B 43 19.26 3.41 -27.46
CA VAL B 43 18.29 3.58 -28.53
C VAL B 43 17.23 4.56 -28.02
N VAL B 44 17.13 5.71 -28.69
CA VAL B 44 16.14 6.72 -28.38
C VAL B 44 14.92 6.48 -29.27
N ALA B 45 13.75 6.33 -28.67
CA ALA B 45 12.54 6.01 -29.43
C ALA B 45 11.46 7.01 -29.08
N ASP B 46 10.77 7.50 -30.11
CA ASP B 46 9.76 8.55 -29.94
C ASP B 46 8.98 8.69 -31.24
N LEU B 47 7.83 9.36 -31.15
CA LEU B 47 7.10 9.83 -32.32
C LEU B 47 7.76 11.05 -32.93
N ASP B 48 8.38 11.87 -32.09
CA ASP B 48 8.96 13.16 -32.47
C ASP B 48 10.37 12.92 -32.97
N SER B 49 10.54 12.89 -34.30
CA SER B 49 11.83 12.61 -34.90
C SER B 49 12.84 13.72 -34.65
N ALA B 50 12.38 14.97 -34.59
CA ALA B 50 13.29 16.09 -34.40
C ALA B 50 13.86 16.11 -33.00
N GLY B 51 13.00 15.99 -31.98
CA GLY B 51 13.48 15.90 -30.62
C GLY B 51 14.30 14.65 -30.38
N GLY B 52 13.91 13.54 -31.02
CA GLY B 52 14.65 12.30 -30.86
C GLY B 52 16.09 12.40 -31.35
N GLU B 53 16.28 12.94 -32.55
CA GLU B 53 17.65 13.12 -33.03
C GLU B 53 18.37 14.19 -32.22
N GLY B 54 17.63 15.16 -31.67
CA GLY B 54 18.24 16.11 -30.76
C GLY B 54 18.80 15.45 -29.52
N THR B 55 18.08 14.47 -28.97
CA THR B 55 18.62 13.71 -27.85
C THR B 55 19.88 12.96 -28.26
N VAL B 56 19.85 12.32 -29.42
CA VAL B 56 21.00 11.59 -29.91
C VAL B 56 22.19 12.52 -30.12
N GLU B 57 21.93 13.71 -30.67
CA GLU B 57 23.00 14.69 -30.88
C GLU B 57 23.62 15.12 -29.55
N ALA B 58 22.79 15.37 -28.54
CA ALA B 58 23.33 15.75 -27.23
C ALA B 58 24.19 14.64 -26.64
N ILE B 59 23.75 13.39 -26.79
CA ILE B 59 24.53 12.26 -26.30
C ILE B 59 25.88 12.17 -27.02
N ARG B 60 25.85 12.37 -28.34
CA ARG B 60 27.07 12.24 -29.13
C ARG B 60 28.05 13.35 -28.83
N GLN B 61 27.53 14.57 -28.65
CA GLN B 61 28.35 15.72 -28.27
C GLN B 61 29.12 15.44 -26.98
N ALA B 62 28.53 14.68 -26.07
CA ALA B 62 29.17 14.34 -24.81
C ALA B 62 30.04 13.09 -24.90
N GLY B 63 30.23 12.55 -26.09
CA GLY B 63 31.09 11.39 -26.28
C GLY B 63 30.40 10.05 -26.11
N GLY B 64 29.07 10.02 -26.03
CA GLY B 64 28.35 8.78 -25.87
C GLY B 64 27.86 8.21 -27.19
N GLU B 65 27.15 7.09 -27.08
CA GLU B 65 26.73 6.30 -28.23
C GLU B 65 25.21 6.17 -28.19
N ALA B 66 24.54 6.60 -29.26
CA ALA B 66 23.08 6.48 -29.34
C ALA B 66 22.64 6.48 -30.80
N VAL B 67 21.44 5.94 -31.03
CA VAL B 67 20.73 6.06 -32.29
C VAL B 67 19.26 6.37 -32.01
N PHE B 68 18.60 6.98 -32.99
CA PHE B 68 17.18 7.25 -32.91
C PHE B 68 16.40 6.28 -33.79
N ILE B 69 15.31 5.75 -33.24
CA ILE B 69 14.36 4.93 -34.01
C ILE B 69 12.97 5.47 -33.76
N ARG B 70 12.27 5.86 -34.83
CA ARG B 70 10.91 6.36 -34.67
C ARG B 70 9.97 5.21 -34.34
N CYS B 71 9.06 5.46 -33.39
CA CYS B 71 8.10 4.43 -33.00
C CYS B 71 6.90 5.08 -32.35
N ASP B 72 5.71 4.72 -32.83
CA ASP B 72 4.47 4.98 -32.12
C ASP B 72 4.19 3.77 -31.23
N VAL B 73 4.32 3.94 -29.90
CA VAL B 73 4.21 2.80 -29.00
C VAL B 73 2.81 2.23 -28.92
N THR B 74 1.81 2.88 -29.52
CA THR B 74 0.47 2.32 -29.56
C THR B 74 0.28 1.28 -30.66
N ARG B 75 1.29 1.07 -31.52
CA ARG B 75 1.16 0.22 -32.71
C ARG B 75 2.05 -1.00 -32.57
N ASP B 76 1.43 -2.18 -32.53
CA ASP B 76 2.16 -3.42 -32.32
C ASP B 76 3.31 -3.59 -33.31
N ALA B 77 3.02 -3.38 -34.59
CA ALA B 77 4.06 -3.57 -35.62
C ALA B 77 5.25 -2.64 -35.40
N GLU B 78 5.00 -1.39 -34.99
CA GLU B 78 6.10 -0.46 -34.80
C GLU B 78 6.92 -0.82 -33.57
N VAL B 79 6.26 -1.29 -32.52
CA VAL B 79 6.99 -1.69 -31.32
C VAL B 79 7.83 -2.93 -31.60
N LYS B 80 7.26 -3.91 -32.32
CA LYS B 80 8.07 -5.06 -32.69
C LYS B 80 9.29 -4.65 -33.50
N ALA B 81 9.09 -3.74 -34.47
CA ALA B 81 10.20 -3.27 -35.29
C ALA B 81 11.20 -2.49 -34.47
N LEU B 82 10.72 -1.76 -33.45
CA LEU B 82 11.64 -1.03 -32.56
C LEU B 82 12.58 -1.99 -31.84
N VAL B 83 12.05 -3.06 -31.27
CA VAL B 83 12.90 -4.00 -30.55
C VAL B 83 13.85 -4.69 -31.51
N GLU B 84 13.33 -5.10 -32.68
CA GLU B 84 14.22 -5.64 -33.72
C GLU B 84 15.31 -4.63 -34.08
N GLY B 85 14.96 -3.34 -34.12
CA GLY B 85 15.94 -2.32 -34.44
C GLY B 85 17.01 -2.18 -33.40
N CYS B 86 16.67 -2.37 -32.11
CA CYS B 86 17.67 -2.42 -31.05
C CYS B 86 18.70 -3.51 -31.32
N ALA B 87 18.23 -4.71 -31.65
CA ALA B 87 19.15 -5.80 -31.96
C ALA B 87 19.92 -5.51 -33.23
N ALA B 88 19.27 -4.88 -34.20
CA ALA B 88 19.95 -4.55 -35.46
C ALA B 88 21.11 -3.59 -35.24
N ALA B 89 20.90 -2.56 -34.40
CA ALA B 89 21.93 -1.53 -34.20
C ALA B 89 23.04 -2.01 -33.27
N TYR B 90 22.68 -2.70 -32.19
CA TYR B 90 23.62 -2.99 -31.11
C TYR B 90 23.70 -4.46 -30.73
N GLY B 91 22.87 -5.34 -31.30
CA GLY B 91 23.00 -6.77 -31.06
C GLY B 91 22.26 -7.33 -29.87
N ARG B 92 21.71 -6.49 -28.99
CA ARG B 92 21.13 -6.97 -27.75
C ARG B 92 20.36 -5.82 -27.13
N LEU B 93 19.64 -6.12 -26.05
CA LEU B 93 18.90 -5.09 -25.31
C LEU B 93 18.94 -5.46 -23.84
N ASP B 94 19.64 -4.68 -23.03
CA ASP B 94 19.80 -5.00 -21.62
C ASP B 94 18.80 -4.28 -20.74
N TYR B 95 18.45 -3.05 -21.10
CA TYR B 95 17.64 -2.18 -20.25
C TYR B 95 16.55 -1.56 -21.10
N ALA B 96 15.34 -1.45 -20.56
CA ALA B 96 14.27 -0.76 -21.27
C ALA B 96 13.58 0.17 -20.29
N PHE B 97 13.40 1.42 -20.73
CA PHE B 97 12.70 2.44 -19.95
C PHE B 97 11.48 2.84 -20.78
N ASN B 98 10.32 2.30 -20.39
CA ASN B 98 9.07 2.49 -21.13
C ASN B 98 8.39 3.72 -20.57
N ASN B 99 8.70 4.85 -21.20
CA ASN B 99 8.45 6.15 -20.60
C ASN B 99 7.51 7.04 -21.41
N ALA B 100 7.27 6.72 -22.69
CA ALA B 100 6.28 7.47 -23.47
C ALA B 100 4.94 7.51 -22.73
N GLY B 101 4.35 8.69 -22.67
CA GLY B 101 3.06 8.83 -22.03
C GLY B 101 2.49 10.19 -22.34
N ILE B 102 1.18 10.32 -22.15
CA ILE B 102 0.50 11.60 -22.35
C ILE B 102 -0.39 11.90 -21.15
N GLU B 103 -0.70 13.18 -21.00
CA GLU B 103 -1.58 13.68 -19.95
C GLU B 103 -2.38 14.83 -20.56
N ILE B 104 -3.66 14.62 -20.85
CA ILE B 104 -4.40 15.56 -21.69
C ILE B 104 -5.79 15.94 -21.16
N GLU B 105 -6.17 15.41 -20.00
CA GLU B 105 -7.54 15.65 -19.52
C GLU B 105 -7.75 17.10 -19.10
N GLN B 106 -9.02 17.50 -19.11
CA GLN B 106 -9.38 18.87 -18.81
C GLN B 106 -10.41 19.00 -17.71
N GLY B 107 -10.94 17.90 -17.18
CA GLY B 107 -11.99 18.03 -16.19
C GLY B 107 -12.11 16.82 -15.29
N LYS B 108 -13.07 16.91 -14.38
CA LYS B 108 -13.42 15.80 -13.51
C LYS B 108 -14.01 14.66 -14.33
N LEU B 109 -14.14 13.50 -13.70
CA LEU B 109 -14.45 12.27 -14.43
C LEU B 109 -15.69 12.43 -15.32
N ALA B 110 -16.79 12.95 -14.76
CA ALA B 110 -18.03 13.01 -15.54
C ALA B 110 -17.94 13.99 -16.70
N ASP B 111 -16.96 14.89 -16.70
CA ASP B 111 -16.80 15.86 -17.78
C ASP B 111 -15.80 15.43 -18.84
N GLY B 112 -15.19 14.25 -18.71
CA GLY B 112 -14.23 13.79 -19.71
C GLY B 112 -14.94 13.18 -20.91
N ASN B 113 -14.15 12.85 -21.94
CA ASN B 113 -14.75 12.26 -23.13
C ASN B 113 -13.98 11.03 -23.58
N GLU B 114 -14.67 10.24 -24.40
CA GLU B 114 -14.18 8.92 -24.78
C GLU B 114 -12.94 9.02 -25.66
N ALA B 115 -12.83 10.07 -26.47
CA ALA B 115 -11.62 10.24 -27.26
C ALA B 115 -10.39 10.42 -26.37
N GLU B 116 -10.55 11.18 -25.27
CA GLU B 116 -9.47 11.33 -24.31
C GLU B 116 -9.14 10.00 -23.65
N PHE B 117 -10.18 9.29 -23.19
CA PHE B 117 -9.99 7.97 -22.61
C PHE B 117 -9.19 7.06 -23.54
N ASP B 118 -9.61 6.99 -24.80
CA ASP B 118 -8.96 6.06 -25.72
C ASP B 118 -7.50 6.44 -25.94
N ALA B 119 -7.21 7.73 -26.11
CA ALA B 119 -5.84 8.15 -26.37
C ALA B 119 -4.93 7.86 -25.18
N ILE B 120 -5.41 8.18 -23.97
CA ILE B 120 -4.60 8.02 -22.77
C ILE B 120 -4.32 6.55 -22.51
N MET B 121 -5.35 5.72 -22.63
CA MET B 121 -5.15 4.30 -22.39
C MET B 121 -4.24 3.69 -23.45
N ALA B 122 -4.33 4.16 -24.70
CA ALA B 122 -3.52 3.57 -25.76
C ALA B 122 -2.04 3.82 -25.54
N VAL B 123 -1.63 5.07 -25.26
CA VAL B 123 -0.22 5.37 -25.06
C VAL B 123 0.25 4.82 -23.72
N ASN B 124 -0.49 5.12 -22.65
CA ASN B 124 0.02 4.92 -21.30
C ASN B 124 -0.07 3.47 -20.83
N VAL B 125 -1.07 2.73 -21.28
CA VAL B 125 -1.22 1.33 -20.89
C VAL B 125 -0.84 0.39 -22.02
N LYS B 126 -1.52 0.49 -23.17
CA LYS B 126 -1.18 -0.43 -24.26
C LYS B 126 0.27 -0.24 -24.71
N GLY B 127 0.75 1.00 -24.71
CA GLY B 127 2.14 1.25 -25.10
C GLY B 127 3.14 0.55 -24.20
N VAL B 128 2.89 0.59 -22.88
CA VAL B 128 3.79 -0.09 -21.95
C VAL B 128 3.65 -1.61 -22.11
N TRP B 129 2.42 -2.08 -22.31
CA TRP B 129 2.19 -3.50 -22.48
C TRP B 129 2.88 -4.01 -23.75
N LEU B 130 2.69 -3.29 -24.86
CA LEU B 130 3.32 -3.68 -26.13
C LEU B 130 4.83 -3.70 -26.01
N CYS B 131 5.41 -2.65 -25.42
CA CYS B 131 6.85 -2.59 -25.25
C CYS B 131 7.37 -3.77 -24.45
N MET B 132 6.79 -4.03 -23.28
CA MET B 132 7.25 -5.17 -22.50
C MET B 132 7.03 -6.48 -23.26
N LYS B 133 5.92 -6.59 -23.99
CA LYS B 133 5.61 -7.84 -24.68
C LYS B 133 6.70 -8.20 -25.66
N HIS B 134 7.30 -7.20 -26.31
CA HIS B 134 8.34 -7.47 -27.30
C HIS B 134 9.75 -7.36 -26.74
N GLN B 135 9.92 -6.64 -25.64
CA GLN B 135 11.23 -6.61 -24.98
C GLN B 135 11.54 -7.95 -24.30
N ILE B 136 10.54 -8.57 -23.69
CA ILE B 136 10.80 -9.72 -22.82
C ILE B 136 11.44 -10.88 -23.58
N PRO B 137 10.96 -11.28 -24.76
CA PRO B 137 11.60 -12.44 -25.43
C PRO B 137 13.05 -12.19 -25.77
N LEU B 138 13.41 -10.98 -26.20
CA LEU B 138 14.81 -10.69 -26.43
C LEU B 138 15.62 -10.80 -25.14
N MET B 139 15.08 -10.26 -24.04
CA MET B 139 15.81 -10.36 -22.78
C MET B 139 15.89 -11.80 -22.29
N LEU B 140 14.83 -12.59 -22.51
CA LEU B 140 14.87 -13.98 -22.12
C LEU B 140 16.00 -14.71 -22.82
N ALA B 141 16.19 -14.44 -24.11
CA ALA B 141 17.18 -15.15 -24.89
C ALA B 141 18.60 -14.80 -24.45
N GLN B 142 18.79 -13.60 -23.90
CA GLN B 142 20.06 -13.15 -23.35
C GLN B 142 20.31 -13.64 -21.93
N GLY B 143 19.32 -14.23 -21.28
CA GLY B 143 19.46 -14.62 -19.90
C GLY B 143 19.12 -13.55 -18.89
N GLY B 144 18.50 -12.46 -19.31
CA GLY B 144 18.01 -11.48 -18.36
C GLY B 144 18.04 -10.07 -18.93
N GLY B 145 17.53 -9.15 -18.13
CA GLY B 145 17.47 -7.75 -18.48
C GLY B 145 16.70 -7.03 -17.38
N ALA B 146 16.63 -5.71 -17.50
CA ALA B 146 15.89 -4.91 -16.52
C ALA B 146 14.97 -3.93 -17.25
N ILE B 147 13.72 -3.89 -16.83
CA ILE B 147 12.71 -3.00 -17.40
C ILE B 147 12.26 -2.01 -16.33
N VAL B 148 12.17 -0.74 -16.68
CA VAL B 148 11.56 0.29 -15.83
C VAL B 148 10.43 0.93 -16.60
N ASN B 149 9.25 1.00 -15.98
CA ASN B 149 8.10 1.65 -16.59
C ASN B 149 7.82 2.94 -15.84
N THR B 150 7.47 4.00 -16.58
CA THR B 150 7.10 5.24 -15.91
C THR B 150 5.64 5.17 -15.49
N ALA B 151 5.40 5.07 -14.18
CA ALA B 151 4.06 5.27 -13.63
C ALA B 151 3.95 6.72 -13.20
N SER B 152 3.57 6.97 -11.96
CA SER B 152 3.30 8.32 -11.47
C SER B 152 2.87 8.20 -10.02
N VAL B 153 2.97 9.30 -9.27
CA VAL B 153 2.23 9.34 -8.01
C VAL B 153 0.75 9.14 -8.27
N ALA B 154 0.26 9.50 -9.47
CA ALA B 154 -1.12 9.22 -9.83
C ALA B 154 -1.38 7.73 -10.03
N GLY B 155 -0.33 6.91 -10.03
CA GLY B 155 -0.49 5.47 -9.98
C GLY B 155 -0.67 4.92 -8.58
N LEU B 156 -0.52 5.78 -7.56
CA LEU B 156 -0.56 5.36 -6.16
C LEU B 156 -1.66 6.02 -5.37
N GLY B 157 -2.41 6.93 -5.99
CA GLY B 157 -3.49 7.61 -5.29
C GLY B 157 -4.31 8.42 -6.27
N ALA B 158 -5.22 9.22 -5.72
CA ALA B 158 -6.10 10.03 -6.54
C ALA B 158 -5.32 11.06 -7.35
N ALA B 159 -5.82 11.36 -8.54
CA ALA B 159 -5.38 12.53 -9.32
C ALA B 159 -6.62 13.29 -9.75
N PRO B 160 -7.11 14.21 -8.92
CA PRO B 160 -8.30 14.98 -9.28
C PRO B 160 -8.11 15.72 -10.60
N LYS B 161 -9.15 15.68 -11.42
CA LYS B 161 -9.21 16.20 -12.78
C LYS B 161 -8.23 15.50 -13.73
N MET B 162 -7.70 14.36 -13.32
CA MET B 162 -6.87 13.51 -14.15
C MET B 162 -7.19 12.04 -13.85
N SER B 163 -8.48 11.72 -13.79
CA SER B 163 -8.90 10.39 -13.34
C SER B 163 -8.52 9.30 -14.35
N ILE B 164 -8.59 9.61 -15.65
CA ILE B 164 -8.17 8.64 -16.65
C ILE B 164 -6.67 8.43 -16.57
N TYR B 165 -5.92 9.52 -16.45
CA TYR B 165 -4.47 9.43 -16.26
C TYR B 165 -4.14 8.59 -15.04
N ALA B 166 -4.83 8.83 -13.91
CA ALA B 166 -4.58 8.02 -12.72
C ALA B 166 -4.88 6.55 -12.98
N ALA B 167 -6.01 6.27 -13.61
CA ALA B 167 -6.34 4.90 -14.00
C ALA B 167 -5.21 4.29 -14.84
N SER B 168 -4.69 5.05 -15.81
CA SER B 168 -3.66 4.51 -16.71
C SER B 168 -2.37 4.24 -15.95
N LYS B 169 -2.01 5.10 -14.98
CA LYS B 169 -0.75 4.90 -14.29
C LYS B 169 -0.87 3.84 -13.21
N HIS B 170 -2.06 3.71 -12.59
CA HIS B 170 -2.34 2.53 -11.78
C HIS B 170 -2.14 1.25 -12.62
N ALA B 171 -2.67 1.24 -13.86
CA ALA B 171 -2.53 0.06 -14.70
C ALA B 171 -1.07 -0.27 -14.97
N VAL B 172 -0.23 0.76 -15.17
CA VAL B 172 1.20 0.52 -15.39
C VAL B 172 1.79 -0.26 -14.23
N ILE B 173 1.40 0.09 -12.99
CA ILE B 173 1.93 -0.62 -11.83
C ILE B 173 1.46 -2.08 -11.82
N GLY B 174 0.21 -2.32 -12.21
CA GLY B 174 -0.28 -3.69 -12.31
C GLY B 174 0.47 -4.53 -13.33
N LEU B 175 0.72 -3.97 -14.52
CA LEU B 175 1.55 -4.65 -15.50
C LEU B 175 2.95 -4.92 -14.95
N THR B 176 3.52 -3.92 -14.29
CA THR B 176 4.87 -4.02 -13.75
C THR B 176 4.96 -5.16 -12.75
N LYS B 177 4.08 -5.17 -11.75
CA LYS B 177 4.20 -6.16 -10.69
C LYS B 177 3.94 -7.56 -11.24
N SER B 178 2.98 -7.69 -12.15
CA SER B 178 2.65 -9.00 -12.69
C SER B 178 3.80 -9.57 -13.49
N ALA B 179 4.38 -8.76 -14.39
CA ALA B 179 5.51 -9.22 -15.19
C ALA B 179 6.71 -9.51 -14.31
N ALA B 180 6.91 -8.71 -13.26
CA ALA B 180 8.03 -8.96 -12.37
C ALA B 180 7.94 -10.35 -11.77
N ILE B 181 6.75 -10.78 -11.35
CA ILE B 181 6.62 -12.09 -10.74
C ILE B 181 6.73 -13.19 -11.81
N GLU B 182 6.14 -12.95 -12.98
CA GLU B 182 6.15 -13.95 -14.04
C GLU B 182 7.55 -14.33 -14.50
N TYR B 183 8.45 -13.35 -14.58
CA TYR B 183 9.77 -13.56 -15.18
C TYR B 183 10.90 -13.46 -14.16
N ALA B 184 10.57 -13.47 -12.87
CA ALA B 184 11.57 -13.31 -11.82
C ALA B 184 12.67 -14.35 -11.91
N LYS B 185 12.30 -15.60 -12.17
CA LYS B 185 13.29 -16.67 -12.19
C LYS B 185 14.01 -16.78 -13.51
N LYS B 186 13.67 -15.95 -14.49
CA LYS B 186 14.29 -15.93 -15.80
C LYS B 186 15.24 -14.75 -15.96
N GLY B 187 15.53 -14.04 -14.88
CA GLY B 187 16.51 -12.98 -14.90
C GLY B 187 16.00 -11.63 -15.35
N ILE B 188 14.69 -11.45 -15.50
CA ILE B 188 14.14 -10.16 -15.94
C ILE B 188 13.56 -9.47 -14.71
N ARG B 189 14.11 -8.31 -14.36
CA ARG B 189 13.54 -7.48 -13.31
C ARG B 189 12.65 -6.42 -13.94
N VAL B 190 11.54 -6.12 -13.28
CA VAL B 190 10.57 -5.17 -13.82
C VAL B 190 10.13 -4.27 -12.67
N ASN B 191 10.34 -2.96 -12.81
CA ASN B 191 10.03 -1.99 -11.76
C ASN B 191 9.36 -0.78 -12.38
N ALA B 192 8.70 0.03 -11.53
CA ALA B 192 8.11 1.28 -11.99
C ALA B 192 8.71 2.43 -11.20
N VAL B 193 9.00 3.53 -11.89
CA VAL B 193 9.31 4.78 -11.19
C VAL B 193 8.05 5.63 -11.16
N CYS B 194 7.82 6.32 -10.03
CA CYS B 194 6.57 7.06 -9.82
C CYS B 194 6.87 8.51 -9.52
N PRO B 195 7.06 9.33 -10.56
CA PRO B 195 7.36 10.74 -10.32
C PRO B 195 6.13 11.52 -9.88
N ALA B 196 6.38 12.55 -9.07
CA ALA B 196 5.36 13.57 -8.88
C ALA B 196 5.54 14.62 -9.98
N VAL B 197 5.35 15.90 -9.69
CA VAL B 197 5.50 16.90 -10.75
C VAL B 197 6.98 17.11 -11.02
N ILE B 198 7.38 17.05 -12.30
CA ILE B 198 8.76 17.19 -12.72
C ILE B 198 8.86 18.39 -13.65
N ASP B 199 9.94 19.16 -13.50
CA ASP B 199 10.15 20.39 -14.25
C ASP B 199 10.61 20.04 -15.67
N THR B 200 9.65 19.71 -16.51
CA THR B 200 9.96 19.41 -17.89
C THR B 200 9.75 20.67 -18.74
N ASP B 201 10.33 20.66 -19.94
CA ASP B 201 10.15 21.80 -20.83
C ASP B 201 8.69 21.98 -21.21
N MET B 202 7.85 20.95 -21.04
CA MET B 202 6.41 21.16 -21.15
C MET B 202 5.84 21.82 -19.90
N PHE B 203 6.37 21.46 -18.72
CA PHE B 203 5.95 22.15 -17.50
C PHE B 203 6.28 23.63 -17.55
N ARG B 204 7.43 23.96 -18.16
CA ARG B 204 7.80 25.36 -18.32
C ARG B 204 7.19 25.94 -19.59
N ALA B 214 1.53 26.96 -11.61
CA ALA B 214 2.89 26.46 -11.51
C ALA B 214 3.33 26.37 -10.04
N GLU B 215 3.36 27.53 -9.37
CA GLU B 215 3.75 27.58 -7.96
C GLU B 215 2.80 26.77 -7.09
N PHE B 216 1.57 26.59 -7.53
CA PHE B 216 0.60 25.79 -6.80
C PHE B 216 1.01 24.33 -6.76
N ALA B 217 1.43 23.78 -7.90
CA ALA B 217 1.89 22.40 -7.95
C ALA B 217 3.17 22.20 -7.16
N ALA B 218 4.04 23.22 -7.12
CA ALA B 218 5.24 23.11 -6.30
C ALA B 218 4.89 22.95 -4.83
N ALA B 219 3.90 23.71 -4.35
CA ALA B 219 3.56 23.73 -2.93
C ALA B 219 2.90 22.44 -2.46
N MET B 220 2.28 21.67 -3.36
CA MET B 220 1.69 20.40 -2.93
C MET B 220 2.73 19.30 -2.76
N HIS B 221 4.04 19.61 -2.95
CA HIS B 221 5.09 18.68 -2.56
C HIS B 221 5.67 19.11 -1.23
N PRO B 222 5.77 18.20 -0.25
CA PRO B 222 6.35 18.58 1.04
C PRO B 222 7.70 19.24 0.93
N LEU B 223 8.52 18.85 -0.06
CA LEU B 223 9.82 19.46 -0.23
C LEU B 223 9.72 20.93 -0.65
N GLY B 224 8.59 21.33 -1.22
CA GLY B 224 8.38 22.72 -1.58
C GLY B 224 8.80 23.09 -2.98
N ARG B 225 9.18 22.11 -3.80
CA ARG B 225 9.60 22.36 -5.17
C ARG B 225 9.16 21.19 -6.02
N VAL B 226 9.21 21.36 -7.34
CA VAL B 226 8.98 20.23 -8.23
C VAL B 226 10.29 19.51 -8.45
N GLY B 227 10.23 18.29 -8.98
CA GLY B 227 11.44 17.52 -9.17
C GLY B 227 12.14 17.85 -10.46
N ARG B 228 13.38 17.42 -10.57
CA ARG B 228 14.21 17.63 -11.75
C ARG B 228 14.25 16.36 -12.60
N VAL B 229 14.41 16.54 -13.91
CA VAL B 229 14.50 15.36 -14.78
C VAL B 229 15.68 14.48 -14.39
N GLU B 230 16.76 15.09 -13.88
CA GLU B 230 17.92 14.32 -13.47
C GLU B 230 17.63 13.41 -12.28
N GLU B 231 16.67 13.81 -11.44
CA GLU B 231 16.32 13.00 -10.28
C GLU B 231 15.53 11.75 -10.71
N ILE B 232 14.65 11.89 -11.70
CA ILE B 232 13.99 10.70 -12.23
C ILE B 232 15.00 9.81 -12.93
N ALA B 233 15.89 10.40 -13.73
CA ALA B 233 16.89 9.58 -14.43
C ALA B 233 17.74 8.78 -13.46
N ALA B 234 18.14 9.40 -12.34
CA ALA B 234 18.97 8.67 -11.38
C ALA B 234 18.22 7.50 -10.76
N ALA B 235 16.91 7.64 -10.56
CA ALA B 235 16.15 6.52 -9.99
C ALA B 235 16.04 5.39 -11.00
N VAL B 236 15.86 5.72 -12.28
CA VAL B 236 15.83 4.70 -13.32
C VAL B 236 17.16 3.96 -13.36
N LEU B 237 18.27 4.70 -13.29
CA LEU B 237 19.58 4.06 -13.35
C LEU B 237 19.83 3.19 -12.13
N TYR B 238 19.37 3.62 -10.93
CA TYR B 238 19.46 2.71 -9.77
C TYR B 238 18.69 1.42 -10.05
N LEU B 239 17.47 1.54 -10.58
CA LEU B 239 16.67 0.33 -10.80
C LEU B 239 17.28 -0.58 -11.86
N CYS B 240 18.15 -0.05 -12.72
CA CYS B 240 18.83 -0.85 -13.75
C CYS B 240 20.22 -1.30 -13.31
N SER B 241 20.68 -0.88 -12.13
CA SER B 241 22.09 -1.05 -11.79
C SER B 241 22.41 -2.51 -11.44
N ASP B 242 23.70 -2.83 -11.50
CA ASP B 242 24.14 -4.21 -11.29
C ASP B 242 23.74 -4.71 -9.91
N ASN B 243 23.82 -3.84 -8.89
CA ASN B 243 23.52 -4.24 -7.54
C ASN B 243 22.07 -4.00 -7.16
N ALA B 244 21.19 -3.78 -8.15
CA ALA B 244 19.75 -3.81 -7.93
C ALA B 244 19.14 -5.16 -8.30
N GLY B 245 19.95 -6.22 -8.30
CA GLY B 245 19.49 -7.54 -8.74
C GLY B 245 18.44 -8.19 -7.86
N PHE B 246 18.25 -7.70 -6.64
CA PHE B 246 17.19 -8.17 -5.75
C PHE B 246 16.00 -7.21 -5.71
N THR B 247 16.01 -6.18 -6.55
CA THR B 247 14.95 -5.18 -6.55
C THR B 247 14.04 -5.45 -7.75
N THR B 248 12.81 -5.90 -7.50
CA THR B 248 11.92 -6.15 -8.62
C THR B 248 10.48 -6.06 -8.13
N GLY B 249 9.60 -5.66 -9.05
CA GLY B 249 8.19 -5.51 -8.73
C GLY B 249 7.85 -4.35 -7.84
N ILE B 250 8.68 -3.32 -7.77
CA ILE B 250 8.40 -2.21 -6.86
C ILE B 250 7.95 -1.00 -7.66
N ALA B 251 7.25 -0.12 -6.96
CA ALA B 251 6.85 1.18 -7.49
C ALA B 251 7.60 2.19 -6.64
N LEU B 252 8.59 2.86 -7.24
CA LEU B 252 9.52 3.71 -6.50
C LEU B 252 9.05 5.15 -6.59
N PRO B 253 8.52 5.75 -5.51
CA PRO B 253 8.07 7.13 -5.60
C PRO B 253 9.26 8.07 -5.55
N VAL B 254 9.29 8.99 -6.51
CA VAL B 254 10.29 10.05 -6.54
C VAL B 254 9.46 11.33 -6.58
N ASP B 255 9.12 11.84 -5.37
CA ASP B 255 7.93 12.68 -5.28
C ASP B 255 8.03 13.76 -4.22
N GLY B 256 9.21 14.03 -3.68
CA GLY B 256 9.35 15.10 -2.71
C GLY B 256 8.55 14.90 -1.46
N GLY B 257 8.13 13.65 -1.17
CA GLY B 257 7.35 13.33 -0.01
C GLY B 257 5.85 13.21 -0.26
N ALA B 258 5.40 13.42 -1.49
CA ALA B 258 3.95 13.52 -1.74
C ALA B 258 3.19 12.29 -1.25
N THR B 259 3.70 11.08 -1.50
CA THR B 259 2.94 9.89 -1.13
C THR B 259 3.13 9.49 0.33
N ALA B 260 4.07 10.09 1.06
CA ALA B 260 4.18 9.83 2.49
C ALA B 260 3.08 10.52 3.26
N ILE B 261 2.37 11.42 2.59
CA ILE B 261 1.11 12.07 3.01
C ILE B 261 1.47 13.17 3.99
N LEU C 12 -25.59 -8.23 10.95
CA LEU C 12 -25.94 -8.90 12.20
C LEU C 12 -24.72 -9.60 12.80
N LEU C 13 -24.68 -9.60 14.13
CA LEU C 13 -23.66 -10.28 14.91
C LEU C 13 -24.32 -11.43 15.66
N SER C 14 -23.73 -12.63 15.55
CA SER C 14 -24.29 -13.77 16.26
C SER C 14 -23.48 -14.19 17.47
N GLY C 15 -22.25 -13.69 17.61
CA GLY C 15 -21.53 -13.88 18.86
C GLY C 15 -22.24 -13.18 20.02
N GLN C 16 -21.96 -13.65 21.23
CA GLN C 16 -22.70 -13.20 22.40
C GLN C 16 -21.98 -12.17 23.25
N VAL C 17 -20.64 -12.10 23.21
CA VAL C 17 -19.88 -11.29 24.16
C VAL C 17 -18.80 -10.51 23.43
N ALA C 18 -18.71 -9.21 23.71
CA ALA C 18 -17.66 -8.35 23.20
C ALA C 18 -16.94 -7.66 24.36
N LEU C 19 -15.63 -7.45 24.17
CA LEU C 19 -14.81 -6.69 25.10
C LEU C 19 -14.34 -5.43 24.37
N VAL C 20 -14.48 -4.28 25.01
CA VAL C 20 -14.03 -3.01 24.46
C VAL C 20 -13.07 -2.36 25.45
N THR C 21 -11.82 -2.16 25.03
CA THR C 21 -10.90 -1.40 25.85
C THR C 21 -10.98 0.07 25.47
N GLY C 22 -10.69 0.94 26.44
CA GLY C 22 -10.94 2.35 26.23
C GLY C 22 -12.42 2.68 26.09
N GLY C 23 -13.29 1.89 26.72
CA GLY C 23 -14.71 2.07 26.51
C GLY C 23 -15.37 3.15 27.35
N ALA C 24 -14.59 3.89 28.13
CA ALA C 24 -15.15 4.96 28.95
C ALA C 24 -15.54 6.21 28.16
N ALA C 25 -15.08 6.35 26.92
CA ALA C 25 -15.28 7.61 26.22
C ALA C 25 -15.11 7.42 24.71
N GLY C 26 -15.56 8.42 23.97
CA GLY C 26 -15.24 8.54 22.56
C GLY C 26 -15.60 7.31 21.74
N ILE C 27 -14.64 6.88 20.92
CA ILE C 27 -14.89 5.77 20.00
C ILE C 27 -15.21 4.49 20.76
N GLY C 28 -14.52 4.28 21.89
CA GLY C 28 -14.75 3.07 22.66
C GLY C 28 -16.14 3.02 23.26
N ARG C 29 -16.60 4.15 23.81
CA ARG C 29 -17.95 4.20 24.35
C ARG C 29 -18.99 3.99 23.26
N ALA C 30 -18.84 4.67 22.13
CA ALA C 30 -19.80 4.53 21.03
C ALA C 30 -19.84 3.09 20.52
N THR C 31 -18.67 2.45 20.40
CA THR C 31 -18.65 1.09 19.88
C THR C 31 -19.20 0.10 20.90
N ALA C 32 -18.94 0.32 22.18
CA ALA C 32 -19.58 -0.51 23.20
C ALA C 32 -21.09 -0.41 23.11
N GLN C 33 -21.60 0.81 22.93
CA GLN C 33 -23.04 1.01 22.81
C GLN C 33 -23.57 0.33 21.55
N ALA C 34 -22.80 0.37 20.45
CA ALA C 34 -23.24 -0.25 19.21
C ALA C 34 -23.31 -1.77 19.33
N PHE C 35 -22.29 -2.38 19.94
CA PHE C 35 -22.33 -3.82 20.20
C PHE C 35 -23.58 -4.18 21.01
N ALA C 36 -23.85 -3.40 22.06
CA ALA C 36 -24.97 -3.71 22.94
C ALA C 36 -26.29 -3.57 22.21
N ALA C 37 -26.42 -2.52 21.38
CA ALA C 37 -27.64 -2.34 20.60
C ALA C 37 -27.84 -3.45 19.57
N ALA C 38 -26.77 -4.14 19.19
CA ALA C 38 -26.87 -5.30 18.32
C ALA C 38 -27.17 -6.59 19.07
N GLY C 39 -27.36 -6.52 20.39
CA GLY C 39 -27.70 -7.68 21.18
C GLY C 39 -26.55 -8.38 21.87
N VAL C 40 -25.35 -7.79 21.84
CA VAL C 40 -24.14 -8.42 22.38
C VAL C 40 -23.93 -7.96 23.82
N LYS C 41 -23.52 -8.88 24.69
CA LYS C 41 -23.11 -8.53 26.05
C LYS C 41 -21.70 -7.95 26.01
N VAL C 42 -21.51 -6.80 26.66
CA VAL C 42 -20.30 -6.00 26.48
C VAL C 42 -19.57 -5.86 27.81
N VAL C 43 -18.30 -6.25 27.84
CA VAL C 43 -17.40 -5.90 28.93
C VAL C 43 -16.69 -4.63 28.54
N VAL C 44 -16.83 -3.59 29.35
CA VAL C 44 -16.23 -2.29 29.12
C VAL C 44 -14.98 -2.18 30.01
N ALA C 45 -13.81 -1.98 29.40
CA ALA C 45 -12.55 -1.91 30.15
C ALA C 45 -11.90 -0.56 29.93
N ASP C 46 -11.40 0.03 31.02
CA ASP C 46 -10.82 1.36 30.94
C ASP C 46 -10.10 1.68 32.25
N LEU C 47 -9.25 2.70 32.21
CA LEU C 47 -8.69 3.30 33.42
C LEU C 47 -9.73 4.15 34.13
N ASP C 48 -10.59 4.81 33.37
CA ASP C 48 -11.53 5.80 33.86
C ASP C 48 -12.78 5.07 34.34
N SER C 49 -12.87 4.87 35.67
CA SER C 49 -13.99 4.12 36.23
C SER C 49 -15.29 4.90 36.11
N ALA C 50 -15.24 6.22 36.32
CA ALA C 50 -16.44 7.03 36.18
C ALA C 50 -17.02 6.91 34.78
N GLY C 51 -16.20 7.15 33.75
CA GLY C 51 -16.69 7.06 32.38
C GLY C 51 -17.08 5.64 32.01
N GLY C 52 -16.32 4.66 32.48
CA GLY C 52 -16.62 3.27 32.15
C GLY C 52 -17.96 2.83 32.72
N GLU C 53 -18.24 3.19 33.97
CA GLU C 53 -19.57 2.93 34.51
C GLU C 53 -20.63 3.76 33.80
N GLY C 54 -20.26 4.96 33.35
CA GLY C 54 -21.18 5.76 32.55
C GLY C 54 -21.58 5.06 31.26
N THR C 55 -20.61 4.41 30.60
CA THR C 55 -20.92 3.63 29.41
C THR C 55 -21.81 2.44 29.73
N VAL C 56 -21.51 1.73 30.82
CA VAL C 56 -22.31 0.58 31.21
C VAL C 56 -23.74 1.00 31.51
N GLU C 57 -23.90 2.17 32.13
CA GLU C 57 -25.25 2.61 32.49
C GLU C 57 -26.06 3.01 31.27
N ALA C 58 -25.43 3.68 30.31
CA ALA C 58 -26.13 4.01 29.06
C ALA C 58 -26.58 2.74 28.35
N ILE C 59 -25.73 1.71 28.33
CA ILE C 59 -26.12 0.44 27.73
C ILE C 59 -27.31 -0.16 28.46
N ARG C 60 -27.24 -0.18 29.80
CA ARG C 60 -28.31 -0.79 30.57
C ARG C 60 -29.62 -0.03 30.42
N GLN C 61 -29.57 1.30 30.39
CA GLN C 61 -30.81 2.07 30.27
C GLN C 61 -31.48 1.83 28.92
N ALA C 62 -30.69 1.48 27.91
CA ALA C 62 -31.23 1.20 26.58
C ALA C 62 -31.68 -0.24 26.43
N GLY C 63 -31.56 -1.06 27.46
CA GLY C 63 -32.00 -2.44 27.41
C GLY C 63 -30.92 -3.47 27.16
N GLY C 64 -29.64 -3.06 27.21
CA GLY C 64 -28.55 -3.98 26.95
C GLY C 64 -27.93 -4.56 28.23
N GLU C 65 -26.93 -5.42 28.02
CA GLU C 65 -26.18 -6.07 29.08
C GLU C 65 -24.72 -5.66 28.98
N ALA C 66 -24.13 -5.28 30.12
CA ALA C 66 -22.77 -4.80 30.13
C ALA C 66 -22.24 -4.79 31.55
N VAL C 67 -20.93 -5.00 31.69
CA VAL C 67 -20.24 -4.87 32.97
C VAL C 67 -18.98 -4.04 32.74
N PHE C 68 -18.59 -3.27 33.75
CA PHE C 68 -17.34 -2.53 33.69
C PHE C 68 -16.27 -3.25 34.50
N ILE C 69 -15.09 -3.37 33.91
CA ILE C 69 -13.93 -3.92 34.60
C ILE C 69 -12.79 -2.93 34.40
N ARG C 70 -12.28 -2.37 35.50
CA ARG C 70 -11.15 -1.46 35.41
C ARG C 70 -9.89 -2.21 35.00
N CYS C 71 -9.14 -1.65 34.06
CA CYS C 71 -7.94 -2.30 33.59
C CYS C 71 -7.00 -1.27 33.00
N ASP C 72 -5.74 -1.34 33.40
CA ASP C 72 -4.66 -0.58 32.76
C ASP C 72 -4.03 -1.51 31.73
N VAL C 73 -4.28 -1.25 30.44
CA VAL C 73 -3.85 -2.17 29.41
C VAL C 73 -2.33 -2.26 29.27
N THR C 74 -1.57 -1.39 29.95
CA THR C 74 -0.12 -1.52 29.92
C THR C 74 0.41 -2.58 30.86
N ARG C 75 -0.44 -3.17 31.70
CA ARG C 75 0.01 -4.08 32.75
C ARG C 75 -0.50 -5.47 32.46
N ASP C 76 0.44 -6.39 32.22
CA ASP C 76 0.09 -7.75 31.82
C ASP C 76 -0.87 -8.40 32.82
N ALA C 77 -0.58 -8.26 34.12
CA ALA C 77 -1.41 -8.94 35.12
C ALA C 77 -2.85 -8.42 35.08
N GLU C 78 -3.05 -7.14 34.78
CA GLU C 78 -4.39 -6.58 34.73
C GLU C 78 -5.14 -7.03 33.47
N VAL C 79 -4.43 -7.09 32.35
CA VAL C 79 -5.05 -7.58 31.12
C VAL C 79 -5.41 -9.05 31.24
N LYS C 80 -4.51 -9.85 31.82
CA LYS C 80 -4.81 -11.25 32.11
C LYS C 80 -6.09 -11.36 32.95
N ALA C 81 -6.17 -10.55 34.01
CA ALA C 81 -7.35 -10.56 34.88
C ALA C 81 -8.59 -10.09 34.13
N LEU C 82 -8.42 -9.13 33.21
CA LEU C 82 -9.55 -8.62 32.44
C LEU C 82 -10.17 -9.71 31.59
N VAL C 83 -9.35 -10.50 30.89
CA VAL C 83 -9.89 -11.56 30.04
C VAL C 83 -10.48 -12.68 30.90
N GLU C 84 -9.88 -12.95 32.07
CA GLU C 84 -10.50 -13.89 32.99
C GLU C 84 -11.84 -13.36 33.47
N GLY C 85 -11.92 -12.05 33.74
CA GLY C 85 -13.18 -11.46 34.13
C GLY C 85 -14.26 -11.61 33.08
N CYS C 86 -13.87 -11.52 31.80
CA CYS C 86 -14.83 -11.76 30.72
C CYS C 86 -15.39 -13.17 30.82
N ALA C 87 -14.51 -14.15 31.03
CA ALA C 87 -14.95 -15.53 31.16
C ALA C 87 -15.83 -15.74 32.38
N ALA C 88 -15.45 -15.13 33.51
CA ALA C 88 -16.26 -15.27 34.71
C ALA C 88 -17.63 -14.64 34.53
N ALA C 89 -17.69 -13.47 33.90
CA ALA C 89 -18.95 -12.73 33.80
C ALA C 89 -19.91 -13.34 32.80
N TYR C 90 -19.39 -13.76 31.64
CA TYR C 90 -20.25 -14.19 30.54
C TYR C 90 -19.84 -15.51 29.91
N GLY C 91 -18.73 -16.11 30.31
CA GLY C 91 -18.42 -17.47 29.92
C GLY C 91 -17.68 -17.61 28.62
N ARG C 92 -17.46 -16.53 27.88
CA ARG C 92 -16.87 -16.60 26.56
C ARG C 92 -16.50 -15.19 26.13
N LEU C 93 -15.74 -15.10 25.03
CA LEU C 93 -15.40 -13.81 24.44
C LEU C 93 -15.39 -13.99 22.93
N ASP C 94 -16.33 -13.36 22.24
CA ASP C 94 -16.44 -13.54 20.80
C ASP C 94 -15.82 -12.41 20.00
N TYR C 95 -15.84 -11.20 20.54
CA TYR C 95 -15.34 -10.01 19.88
C TYR C 95 -14.47 -9.23 20.85
N ALA C 96 -13.34 -8.70 20.37
CA ALA C 96 -12.53 -7.78 21.14
C ALA C 96 -12.22 -6.57 20.30
N PHE C 97 -12.44 -5.38 20.87
CA PHE C 97 -12.10 -4.11 20.23
C PHE C 97 -11.03 -3.46 21.08
N ASN C 98 -9.77 -3.56 20.63
CA ASN C 98 -8.62 -3.08 21.41
C ASN C 98 -8.36 -1.64 21.01
N ASN C 99 -8.95 -0.73 21.77
CA ASN C 99 -9.15 0.65 21.36
C ASN C 99 -8.51 1.67 22.28
N ALA C 100 -8.14 1.30 23.51
CA ALA C 100 -7.43 2.21 24.38
C ALA C 100 -6.19 2.74 23.68
N GLY C 101 -5.96 4.04 23.83
CA GLY C 101 -4.80 4.66 23.23
C GLY C 101 -4.68 6.10 23.68
N ILE C 102 -3.49 6.67 23.49
CA ILE C 102 -3.23 8.03 23.89
C ILE C 102 -2.50 8.75 22.76
N GLU C 103 -2.58 10.08 22.80
CA GLU C 103 -1.91 10.94 21.83
C GLU C 103 -1.51 12.21 22.59
N ILE C 104 -0.22 12.39 22.86
CA ILE C 104 0.24 13.42 23.79
C ILE C 104 1.41 14.26 23.26
N GLU C 105 1.93 13.96 22.07
CA GLU C 105 3.12 14.67 21.60
C GLU C 105 2.86 16.13 21.32
N GLN C 106 3.90 16.96 21.48
CA GLN C 106 3.81 18.38 21.26
C GLN C 106 4.74 18.90 20.17
N GLY C 107 5.59 18.07 19.58
CA GLY C 107 6.56 18.63 18.66
C GLY C 107 7.03 17.65 17.62
N LYS C 108 7.88 18.16 16.71
CA LYS C 108 8.54 17.34 15.73
C LYS C 108 9.47 16.35 16.41
N LEU C 109 9.93 15.36 15.63
CA LEU C 109 10.62 14.22 16.24
C LEU C 109 11.78 14.67 17.13
N ALA C 110 12.59 15.63 16.68
CA ALA C 110 13.78 15.99 17.44
C ALA C 110 13.44 16.68 18.76
N ASP C 111 12.21 17.16 18.91
CA ASP C 111 11.80 17.89 20.10
C ASP C 111 11.02 17.02 21.09
N GLY C 112 10.82 15.74 20.79
CA GLY C 112 10.15 14.87 21.71
C GLY C 112 11.06 14.38 22.83
N ASN C 113 10.46 13.71 23.82
CA ASN C 113 11.27 13.18 24.92
C ASN C 113 10.92 11.72 25.19
N GLU C 114 11.81 11.09 25.93
CA GLU C 114 11.72 9.65 26.13
C GLU C 114 10.52 9.26 26.99
N ALA C 115 10.11 10.13 27.91
CA ALA C 115 8.91 9.86 28.69
C ALA C 115 7.68 9.75 27.80
N GLU C 116 7.56 10.65 26.82
CA GLU C 116 6.46 10.60 25.86
C GLU C 116 6.53 9.33 25.03
N PHE C 117 7.73 9.00 24.52
CA PHE C 117 7.91 7.76 23.78
C PHE C 117 7.44 6.56 24.60
N ASP C 118 7.91 6.46 25.84
CA ASP C 118 7.60 5.29 26.65
C ASP C 118 6.10 5.18 26.88
N ALA C 119 5.43 6.31 27.14
CA ALA C 119 4.00 6.26 27.49
C ALA C 119 3.15 5.89 26.29
N ILE C 120 3.43 6.51 25.14
CA ILE C 120 2.66 6.24 23.93
C ILE C 120 2.85 4.79 23.51
N MET C 121 4.10 4.32 23.47
CA MET C 121 4.32 2.94 23.08
C MET C 121 3.72 1.95 24.06
N ALA C 122 3.71 2.25 25.36
CA ALA C 122 3.17 1.31 26.33
C ALA C 122 1.67 1.08 26.12
N VAL C 123 0.90 2.17 25.97
CA VAL C 123 -0.55 2.02 25.78
C VAL C 123 -0.86 1.55 24.37
N ASN C 124 -0.26 2.18 23.38
CA ASN C 124 -0.74 2.02 22.01
C ASN C 124 -0.23 0.74 21.38
N VAL C 125 0.97 0.27 21.74
CA VAL C 125 1.52 -0.95 21.19
C VAL C 125 1.48 -2.07 22.21
N LYS C 126 2.09 -1.86 23.38
CA LYS C 126 2.09 -2.94 24.37
C LYS C 126 0.67 -3.29 24.80
N GLY C 127 -0.20 -2.28 24.94
CA GLY C 127 -1.58 -2.54 25.32
C GLY C 127 -2.31 -3.43 24.33
N VAL C 128 -2.16 -3.14 23.04
CA VAL C 128 -2.80 -3.97 22.02
C VAL C 128 -2.20 -5.36 22.02
N TRP C 129 -0.88 -5.45 22.14
CA TRP C 129 -0.21 -6.75 22.13
C TRP C 129 -0.66 -7.59 23.32
N LEU C 130 -0.66 -7.00 24.52
CA LEU C 130 -1.08 -7.74 25.72
C LEU C 130 -2.52 -8.19 25.59
N CYS C 131 -3.40 -7.29 25.15
CA CYS C 131 -4.81 -7.64 24.99
C CYS C 131 -4.97 -8.83 24.06
N MET C 132 -4.35 -8.76 22.87
CA MET C 132 -4.47 -9.88 21.95
C MET C 132 -3.84 -11.14 22.52
N LYS C 133 -2.70 -10.99 23.22
CA LYS C 133 -2.00 -12.13 23.79
C LYS C 133 -2.91 -12.93 24.72
N HIS C 134 -3.78 -12.24 25.45
CA HIS C 134 -4.65 -12.94 26.39
C HIS C 134 -6.02 -13.24 25.80
N GLN C 135 -6.45 -12.49 24.79
CA GLN C 135 -7.73 -12.76 24.15
C GLN C 135 -7.68 -14.01 23.29
N ILE C 136 -6.56 -14.21 22.58
CA ILE C 136 -6.49 -15.27 21.58
C ILE C 136 -6.68 -16.65 22.19
N PRO C 137 -6.04 -17.01 23.32
CA PRO C 137 -6.26 -18.37 23.85
C PRO C 137 -7.71 -18.64 24.23
N LEU C 138 -8.41 -17.64 24.77
CA LEU C 138 -9.83 -17.82 25.08
C LEU C 138 -10.64 -18.00 23.81
N MET C 139 -10.35 -17.20 22.78
CA MET C 139 -11.05 -17.40 21.51
C MET C 139 -10.70 -18.75 20.89
N LEU C 140 -9.45 -19.18 20.99
CA LEU C 140 -9.06 -20.49 20.46
C LEU C 140 -9.87 -21.59 21.12
N ALA C 141 -10.07 -21.49 22.44
CA ALA C 141 -10.80 -22.53 23.14
C ALA C 141 -12.23 -22.65 22.67
N GLN C 142 -12.81 -21.55 22.20
CA GLN C 142 -14.19 -21.52 21.73
C GLN C 142 -14.33 -21.86 20.26
N GLY C 143 -13.22 -22.08 19.56
CA GLY C 143 -13.26 -22.30 18.14
C GLY C 143 -13.21 -21.05 17.29
N GLY C 144 -13.05 -19.87 17.87
CA GLY C 144 -12.75 -18.70 17.08
C GLY C 144 -13.25 -17.41 17.72
N GLY C 145 -13.04 -16.33 16.98
CA GLY C 145 -13.39 -15.00 17.45
C GLY C 145 -12.96 -13.98 16.41
N ALA C 146 -13.31 -12.73 16.68
CA ALA C 146 -12.91 -11.63 15.81
C ALA C 146 -12.34 -10.51 16.66
N ILE C 147 -11.17 -9.99 16.27
CA ILE C 147 -10.49 -8.91 16.98
C ILE C 147 -10.42 -7.72 16.04
N VAL C 148 -10.69 -6.54 16.57
CA VAL C 148 -10.46 -5.29 15.86
C VAL C 148 -9.56 -4.42 16.72
N ASN C 149 -8.48 -3.92 16.14
CA ASN C 149 -7.59 -3.00 16.84
C ASN C 149 -7.76 -1.62 16.25
N THR C 150 -7.70 -0.59 17.10
CA THR C 150 -7.76 0.77 16.60
C THR C 150 -6.37 1.21 16.17
N ALA C 151 -6.16 1.35 14.87
CA ALA C 151 -4.96 2.00 14.37
C ALA C 151 -5.30 3.47 14.13
N SER C 152 -5.07 3.99 12.93
CA SER C 152 -5.25 5.41 12.61
C SER C 152 -4.78 5.61 11.17
N VAL C 153 -5.20 6.72 10.56
CA VAL C 153 -4.53 7.10 9.31
C VAL C 153 -3.06 7.35 9.57
N ALA C 154 -2.69 7.67 10.82
CA ALA C 154 -1.28 7.77 11.16
C ALA C 154 -0.58 6.43 11.19
N GLY C 155 -1.31 5.32 11.06
CA GLY C 155 -0.67 4.03 10.85
C GLY C 155 -0.41 3.71 9.41
N LEU C 156 -0.88 4.57 8.51
CA LEU C 156 -0.79 4.38 7.08
C LEU C 156 0.07 5.42 6.38
N GLY C 157 0.52 6.45 7.10
CA GLY C 157 1.33 7.48 6.50
C GLY C 157 1.88 8.39 7.58
N ALA C 158 2.51 9.48 7.13
CA ALA C 158 3.12 10.40 8.08
C ALA C 158 2.07 11.06 8.98
N ALA C 159 2.50 11.39 10.20
CA ALA C 159 1.73 12.24 11.12
C ALA C 159 2.69 13.29 11.65
N PRO C 160 2.85 14.39 10.94
CA PRO C 160 3.80 15.43 11.39
C PRO C 160 3.43 15.95 12.77
N LYS C 161 4.44 16.08 13.63
CA LYS C 161 4.31 16.50 15.03
C LYS C 161 3.63 15.44 15.88
N MET C 162 3.50 14.22 15.33
CA MET C 162 2.97 13.07 16.04
C MET C 162 3.71 11.82 15.58
N SER C 163 5.05 11.94 15.49
CA SER C 163 5.83 10.86 14.89
C SER C 163 5.84 9.60 15.76
N ILE C 164 5.86 9.75 17.08
CA ILE C 164 5.80 8.56 17.95
C ILE C 164 4.42 7.92 17.84
N TYR C 165 3.38 8.74 17.86
CA TYR C 165 2.02 8.25 17.63
C TYR C 165 1.92 7.48 16.33
N ALA C 166 2.46 8.05 15.25
CA ALA C 166 2.44 7.35 13.97
C ALA C 166 3.20 6.04 14.05
N ALA C 167 4.39 6.05 14.68
CA ALA C 167 5.09 4.79 14.87
C ALA C 167 4.22 3.78 15.60
N SER C 168 3.52 4.22 16.65
CA SER C 168 2.73 3.29 17.44
C SER C 168 1.55 2.74 16.64
N LYS C 169 0.91 3.57 15.83
CA LYS C 169 -0.23 3.08 15.06
C LYS C 169 0.19 2.25 13.85
N HIS C 170 1.33 2.55 13.24
CA HIS C 170 1.95 1.61 12.30
C HIS C 170 2.16 0.26 12.94
N ALA C 171 2.74 0.24 14.15
CA ALA C 171 3.00 -1.02 14.86
C ALA C 171 1.72 -1.80 15.08
N VAL C 172 0.60 -1.12 15.39
CA VAL C 172 -0.68 -1.79 15.58
C VAL C 172 -1.07 -2.54 14.31
N ILE C 173 -0.81 -1.94 13.15
CA ILE C 173 -1.11 -2.63 11.90
C ILE C 173 -0.21 -3.85 11.73
N GLY C 174 1.07 -3.74 12.10
CA GLY C 174 1.95 -4.91 12.05
C GLY C 174 1.49 -6.05 12.94
N LEU C 175 1.07 -5.73 14.18
CA LEU C 175 0.52 -6.76 15.06
C LEU C 175 -0.73 -7.37 14.44
N THR C 176 -1.61 -6.51 13.91
CA THR C 176 -2.88 -6.95 13.34
C THR C 176 -2.65 -7.92 12.19
N LYS C 177 -1.84 -7.53 11.21
CA LYS C 177 -1.63 -8.39 10.05
C LYS C 177 -0.93 -9.69 10.45
N SER C 178 0.05 -9.61 11.35
CA SER C 178 0.78 -10.83 11.72
C SER C 178 -0.13 -11.81 12.42
N ALA C 179 -0.89 -11.34 13.41
CA ALA C 179 -1.82 -12.22 14.11
C ALA C 179 -2.88 -12.77 13.16
N ALA C 180 -3.36 -11.95 12.21
CA ALA C 180 -4.35 -12.43 11.25
C ALA C 180 -3.84 -13.65 10.50
N ILE C 181 -2.59 -13.61 10.04
CA ILE C 181 -2.04 -14.73 9.28
C ILE C 181 -1.78 -15.92 10.20
N GLU C 182 -1.27 -15.65 11.42
CA GLU C 182 -0.90 -16.73 12.34
C GLU C 182 -2.11 -17.57 12.72
N TYR C 183 -3.27 -16.94 12.88
CA TYR C 183 -4.45 -17.63 13.43
C TYR C 183 -5.57 -17.75 12.40
N ALA C 184 -5.25 -17.56 11.12
CA ALA C 184 -6.26 -17.56 10.07
C ALA C 184 -6.99 -18.90 9.99
N LYS C 185 -6.26 -19.99 10.15
CA LYS C 185 -6.89 -21.30 10.05
C LYS C 185 -7.43 -21.79 11.39
N LYS C 186 -7.38 -20.95 12.43
CA LYS C 186 -7.87 -21.30 13.75
C LYS C 186 -9.14 -20.54 14.13
N GLY C 187 -9.78 -19.90 13.17
CA GLY C 187 -11.06 -19.27 13.42
C GLY C 187 -11.02 -17.88 14.00
N ILE C 188 -9.84 -17.26 14.06
CA ILE C 188 -9.71 -15.91 14.60
C ILE C 188 -9.41 -14.97 13.44
N ARG C 189 -10.25 -13.95 13.27
CA ARG C 189 -9.98 -12.89 12.32
C ARG C 189 -9.47 -11.68 13.10
N VAL C 190 -8.52 -10.97 12.51
CA VAL C 190 -7.87 -9.82 13.16
C VAL C 190 -7.80 -8.71 12.13
N ASN C 191 -8.41 -7.56 12.43
CA ASN C 191 -8.45 -6.43 11.52
C ASN C 191 -8.17 -5.16 12.30
N ALA C 192 -7.88 -4.10 11.57
CA ALA C 192 -7.65 -2.79 12.19
C ALA C 192 -8.57 -1.78 11.54
N VAL C 193 -9.12 -0.88 12.33
CA VAL C 193 -9.85 0.27 11.81
C VAL C 193 -8.91 1.47 11.91
N CYS C 194 -8.90 2.31 10.87
CA CYS C 194 -7.93 3.38 10.72
C CYS C 194 -8.67 4.72 10.62
N PRO C 195 -9.07 5.29 11.75
CA PRO C 195 -9.79 6.56 11.71
C PRO C 195 -8.85 7.71 11.37
N ALA C 196 -9.41 8.71 10.70
CA ALA C 196 -8.77 10.01 10.61
C ALA C 196 -9.20 10.81 11.84
N VAL C 197 -9.43 12.11 11.70
CA VAL C 197 -9.83 12.91 12.85
C VAL C 197 -11.30 12.66 13.16
N ILE C 198 -11.59 12.24 14.39
CA ILE C 198 -12.95 11.92 14.84
C ILE C 198 -13.33 12.89 15.94
N ASP C 199 -14.61 13.29 15.95
CA ASP C 199 -15.12 14.29 16.90
C ASP C 199 -15.27 13.64 18.28
N THR C 200 -14.18 13.62 19.02
CA THR C 200 -14.16 13.13 20.40
C THR C 200 -13.51 14.21 21.27
N ASP C 201 -13.10 13.82 22.48
CA ASP C 201 -12.39 14.73 23.37
C ASP C 201 -10.89 14.74 23.09
N MET C 202 -10.32 13.62 22.63
CA MET C 202 -8.97 13.64 22.06
C MET C 202 -8.85 14.70 20.97
N PHE C 203 -9.97 15.06 20.34
CA PHE C 203 -10.09 16.21 19.46
C PHE C 203 -10.25 17.48 20.28
N HIS C 221 -9.57 16.90 5.58
CA HIS C 221 -10.20 15.75 4.93
C HIS C 221 -10.93 16.19 3.67
N PRO C 222 -10.79 15.42 2.59
CA PRO C 222 -11.52 15.74 1.35
C PRO C 222 -13.01 15.94 1.55
N LEU C 223 -13.63 15.25 2.50
CA LEU C 223 -15.06 15.48 2.77
C LEU C 223 -15.32 16.80 3.48
N GLY C 224 -14.28 17.48 3.97
CA GLY C 224 -14.48 18.78 4.57
C GLY C 224 -15.08 18.76 5.96
N ARG C 225 -15.04 17.62 6.63
CA ARG C 225 -15.52 17.51 7.99
C ARG C 225 -14.72 16.43 8.69
N VAL C 226 -14.81 16.42 10.02
CA VAL C 226 -14.24 15.31 10.77
C VAL C 226 -15.28 14.20 10.85
N GLY C 227 -14.81 13.01 11.19
CA GLY C 227 -15.69 11.87 11.32
C GLY C 227 -16.37 11.83 12.66
N ARG C 228 -17.32 10.90 12.78
CA ARG C 228 -18.09 10.75 13.99
C ARG C 228 -17.85 9.39 14.63
N VAL C 229 -18.04 9.32 15.94
CA VAL C 229 -17.81 8.07 16.66
C VAL C 229 -18.71 6.95 16.13
N GLU C 230 -19.93 7.30 15.70
CA GLU C 230 -20.85 6.30 15.16
C GLU C 230 -20.33 5.70 13.87
N GLU C 231 -19.56 6.47 13.10
CA GLU C 231 -19.00 5.95 11.86
C GLU C 231 -17.87 4.96 12.13
N ILE C 232 -17.04 5.22 13.14
CA ILE C 232 -16.03 4.22 13.51
C ILE C 232 -16.71 2.99 14.08
N ALA C 233 -17.71 3.17 14.94
CA ALA C 233 -18.38 2.01 15.53
C ALA C 233 -18.98 1.13 14.45
N ALA C 234 -19.59 1.75 13.44
CA ALA C 234 -20.21 0.98 12.36
C ALA C 234 -19.16 0.17 11.61
N ALA C 235 -17.97 0.73 11.41
CA ALA C 235 -16.90 -0.03 10.75
C ALA C 235 -16.44 -1.20 11.61
N VAL C 236 -16.32 -1.00 12.92
CA VAL C 236 -15.94 -2.10 13.80
C VAL C 236 -16.99 -3.20 13.73
N LEU C 237 -18.27 -2.83 13.74
CA LEU C 237 -19.31 -3.85 13.70
C LEU C 237 -19.32 -4.57 12.36
N TYR C 238 -19.06 -3.87 11.25
CA TYR C 238 -18.88 -4.58 9.99
C TYR C 238 -17.74 -5.60 10.09
N LEU C 239 -16.58 -5.18 10.62
CA LEU C 239 -15.46 -6.11 10.71
C LEU C 239 -15.75 -7.30 11.62
N CYS C 240 -16.71 -7.17 12.53
CA CYS C 240 -17.09 -8.25 13.44
C CYS C 240 -18.30 -9.03 12.94
N SER C 241 -18.89 -8.63 11.83
CA SER C 241 -20.18 -9.19 11.42
C SER C 241 -20.01 -10.61 10.92
N ASP C 242 -21.13 -11.36 10.99
CA ASP C 242 -21.14 -12.75 10.52
C ASP C 242 -20.73 -12.85 9.06
N ASN C 243 -21.15 -11.91 8.21
CA ASN C 243 -20.82 -11.98 6.80
C ASN C 243 -19.50 -11.31 6.45
N ALA C 244 -18.66 -11.01 7.45
CA ALA C 244 -17.29 -10.58 7.24
C ALA C 244 -16.31 -11.72 7.45
N GLY C 245 -16.76 -12.98 7.31
CA GLY C 245 -15.91 -14.10 7.65
C GLY C 245 -14.68 -14.26 6.78
N PHE C 246 -14.69 -13.66 5.60
CA PHE C 246 -13.55 -13.68 4.69
C PHE C 246 -12.68 -12.44 4.81
N THR C 247 -12.97 -11.55 5.77
CA THR C 247 -12.26 -10.28 5.91
C THR C 247 -11.31 -10.42 7.10
N THR C 248 -10.01 -10.48 6.81
CA THR C 248 -9.03 -10.55 7.89
C THR C 248 -7.71 -9.95 7.42
N GLY C 249 -6.97 -9.39 8.37
CA GLY C 249 -5.68 -8.80 8.07
C GLY C 249 -5.73 -7.46 7.36
N ILE C 250 -6.84 -6.76 7.40
CA ILE C 250 -6.94 -5.49 6.68
C ILE C 250 -6.86 -4.34 7.66
N ALA C 251 -6.49 -3.18 7.11
CA ALA C 251 -6.51 -1.89 7.79
C ALA C 251 -7.54 -1.05 7.06
N LEU C 252 -8.71 -0.86 7.68
CA LEU C 252 -9.85 -0.22 7.02
C LEU C 252 -9.82 1.28 7.28
N PRO C 253 -9.53 2.12 6.28
CA PRO C 253 -9.54 3.57 6.52
C PRO C 253 -10.97 4.08 6.61
N VAL C 254 -11.25 4.80 7.68
CA VAL C 254 -12.50 5.53 7.84
C VAL C 254 -12.07 6.98 8.03
N ASP C 255 -11.89 7.68 6.91
CA ASP C 255 -10.98 8.83 6.93
C ASP C 255 -11.42 9.97 6.02
N GLY C 256 -12.64 9.97 5.51
CA GLY C 256 -13.10 11.06 4.68
C GLY C 256 -12.31 11.26 3.41
N GLY C 257 -11.58 10.23 2.96
CA GLY C 257 -10.77 10.33 1.76
C GLY C 257 -9.32 10.66 2.00
N ALA C 258 -8.89 10.77 3.26
CA ALA C 258 -7.54 11.28 3.54
C ALA C 258 -6.46 10.40 2.91
N THR C 259 -6.59 9.08 2.98
CA THR C 259 -5.50 8.26 2.45
C THR C 259 -5.58 8.08 0.93
N ALA C 260 -6.69 8.48 0.31
CA ALA C 260 -6.81 8.36 -1.13
C ALA C 260 -5.95 9.37 -1.87
N ILE C 261 -5.59 10.49 -1.23
CA ILE C 261 -4.72 11.46 -1.85
C ILE C 261 -3.29 11.23 -1.40
N LYS D 11 -33.14 0.14 7.37
CA LYS D 11 -32.64 1.23 8.20
C LYS D 11 -31.16 1.46 7.98
N LEU D 12 -30.42 0.37 7.76
CA LEU D 12 -28.97 0.51 7.57
C LEU D 12 -28.65 1.18 6.23
N LEU D 13 -29.51 0.99 5.22
CA LEU D 13 -29.43 1.66 3.93
C LEU D 13 -30.75 2.40 3.71
N SER D 14 -30.72 3.73 3.79
CA SER D 14 -31.95 4.48 3.58
C SER D 14 -32.17 4.92 2.14
N GLY D 15 -31.24 4.60 1.23
CA GLY D 15 -31.46 4.89 -0.17
C GLY D 15 -32.50 3.97 -0.78
N GLN D 16 -33.11 4.43 -1.87
CA GLN D 16 -34.25 3.73 -2.45
C GLN D 16 -33.90 2.82 -3.63
N VAL D 17 -32.84 3.13 -4.38
CA VAL D 17 -32.61 2.51 -5.69
C VAL D 17 -31.14 2.18 -5.85
N ALA D 18 -30.84 0.95 -6.26
CA ALA D 18 -29.50 0.50 -6.57
C ALA D 18 -29.44 0.00 -8.01
N LEU D 19 -28.30 0.24 -8.67
CA LEU D 19 -27.98 -0.32 -9.98
C LEU D 19 -26.82 -1.29 -9.81
N VAL D 20 -26.97 -2.51 -10.33
CA VAL D 20 -25.88 -3.50 -10.29
C VAL D 20 -25.57 -3.90 -11.74
N THR D 21 -24.36 -3.59 -12.20
CA THR D 21 -23.95 -4.12 -13.49
C THR D 21 -23.28 -5.49 -13.29
N GLY D 22 -23.33 -6.31 -14.34
CA GLY D 22 -22.95 -7.70 -14.14
C GLY D 22 -23.87 -8.46 -13.20
N GLY D 23 -25.13 -8.08 -13.13
CA GLY D 23 -26.07 -8.65 -12.18
C GLY D 23 -26.72 -9.95 -12.58
N ALA D 24 -26.41 -10.49 -13.76
CA ALA D 24 -26.99 -11.76 -14.20
C ALA D 24 -26.40 -12.97 -13.50
N ALA D 25 -25.26 -12.84 -12.82
CA ALA D 25 -24.58 -14.02 -12.29
C ALA D 25 -23.64 -13.62 -11.16
N GLY D 26 -23.26 -14.62 -10.37
CA GLY D 26 -22.09 -14.51 -9.51
C GLY D 26 -22.23 -13.43 -8.45
N ILE D 27 -21.16 -12.66 -8.29
CA ILE D 27 -21.12 -11.59 -7.29
C ILE D 27 -22.21 -10.56 -7.55
N GLY D 28 -22.42 -10.21 -8.82
CA GLY D 28 -23.43 -9.22 -9.15
C GLY D 28 -24.83 -9.68 -8.80
N ARG D 29 -25.15 -10.94 -9.13
CA ARG D 29 -26.45 -11.48 -8.76
C ARG D 29 -26.65 -11.45 -7.25
N ALA D 30 -25.66 -11.91 -6.49
CA ALA D 30 -25.80 -11.99 -5.04
C ALA D 30 -25.94 -10.61 -4.42
N THR D 31 -25.21 -9.63 -4.95
CA THR D 31 -25.29 -8.29 -4.39
C THR D 31 -26.62 -7.64 -4.73
N ALA D 32 -27.12 -7.88 -5.95
CA ALA D 32 -28.47 -7.42 -6.29
C ALA D 32 -29.49 -7.99 -5.32
N GLN D 33 -29.38 -9.28 -5.02
CA GLN D 33 -30.29 -9.89 -4.05
C GLN D 33 -30.12 -9.28 -2.66
N ALA D 34 -28.88 -8.98 -2.26
CA ALA D 34 -28.64 -8.39 -0.95
C ALA D 34 -29.25 -6.99 -0.86
N PHE D 35 -29.10 -6.19 -1.91
CA PHE D 35 -29.73 -4.87 -1.94
C PHE D 35 -31.24 -4.99 -1.77
N ALA D 36 -31.84 -5.92 -2.52
CA ALA D 36 -33.29 -6.06 -2.48
C ALA D 36 -33.76 -6.55 -1.11
N ALA D 37 -33.00 -7.45 -0.50
CA ALA D 37 -33.32 -7.92 0.83
C ALA D 37 -33.26 -6.80 1.86
N ALA D 38 -32.44 -5.78 1.60
CA ALA D 38 -32.35 -4.64 2.50
C ALA D 38 -33.43 -3.60 2.24
N GLY D 39 -34.34 -3.86 1.31
CA GLY D 39 -35.43 -2.94 1.01
C GLY D 39 -35.19 -2.01 -0.15
N VAL D 40 -34.09 -2.16 -0.88
CA VAL D 40 -33.74 -1.28 -1.99
C VAL D 40 -34.30 -1.86 -3.29
N LYS D 41 -34.85 -1.00 -4.14
CA LYS D 41 -35.25 -1.41 -5.48
C LYS D 41 -34.02 -1.51 -6.36
N VAL D 42 -33.92 -2.57 -7.16
CA VAL D 42 -32.66 -2.89 -7.84
C VAL D 42 -32.86 -2.93 -9.35
N VAL D 43 -32.03 -2.17 -10.06
CA VAL D 43 -31.91 -2.31 -11.51
C VAL D 43 -30.77 -3.27 -11.79
N VAL D 44 -31.08 -4.37 -12.46
CA VAL D 44 -30.11 -5.39 -12.82
C VAL D 44 -29.71 -5.16 -14.26
N ALA D 45 -28.41 -4.91 -14.51
CA ALA D 45 -27.91 -4.64 -15.85
C ALA D 45 -26.88 -5.69 -16.23
N ASP D 46 -27.00 -6.21 -17.46
CA ASP D 46 -26.11 -7.26 -17.94
C ASP D 46 -26.28 -7.40 -19.44
N LEU D 47 -25.28 -8.01 -20.10
CA LEU D 47 -25.46 -8.45 -21.47
C LEU D 47 -26.33 -9.70 -21.52
N ASP D 48 -26.37 -10.45 -20.43
CA ASP D 48 -27.03 -11.75 -20.34
C ASP D 48 -28.47 -11.51 -19.90
N SER D 49 -29.38 -11.44 -20.87
CA SER D 49 -30.79 -11.20 -20.58
C SER D 49 -31.40 -12.34 -19.77
N ALA D 50 -31.06 -13.58 -20.12
CA ALA D 50 -31.64 -14.72 -19.42
C ALA D 50 -31.25 -14.72 -17.95
N GLY D 51 -29.94 -14.59 -17.67
CA GLY D 51 -29.50 -14.53 -16.30
C GLY D 51 -29.97 -13.30 -15.56
N GLY D 52 -30.08 -12.17 -16.27
CA GLY D 52 -30.55 -10.94 -15.64
C GLY D 52 -32.01 -11.04 -15.22
N GLU D 53 -32.88 -11.47 -16.12
CA GLU D 53 -34.26 -11.68 -15.72
C GLU D 53 -34.36 -12.75 -14.64
N GLY D 54 -33.42 -13.70 -14.62
CA GLY D 54 -33.39 -14.67 -13.53
C GLY D 54 -33.08 -14.07 -12.18
N THR D 55 -32.14 -13.13 -12.13
CA THR D 55 -31.87 -12.43 -10.88
C THR D 55 -33.10 -11.65 -10.41
N VAL D 56 -33.77 -10.97 -11.34
CA VAL D 56 -34.97 -10.21 -11.02
C VAL D 56 -36.06 -11.12 -10.50
N GLU D 57 -36.22 -12.30 -11.11
CA GLU D 57 -37.26 -13.22 -10.67
C GLU D 57 -37.01 -13.71 -9.25
N ALA D 58 -35.75 -14.04 -8.93
CA ALA D 58 -35.41 -14.46 -7.57
C ALA D 58 -35.69 -13.35 -6.57
N ILE D 59 -35.40 -12.10 -6.95
CA ILE D 59 -35.67 -10.98 -6.06
C ILE D 59 -37.16 -10.84 -5.83
N ARG D 60 -37.95 -10.88 -6.91
CA ARG D 60 -39.39 -10.71 -6.80
C ARG D 60 -40.02 -11.84 -5.99
N GLN D 61 -39.57 -13.07 -6.20
CA GLN D 61 -40.14 -14.19 -5.45
C GLN D 61 -39.84 -14.06 -3.97
N ALA D 62 -38.73 -13.41 -3.61
CA ALA D 62 -38.39 -13.17 -2.22
C ALA D 62 -39.09 -11.95 -1.64
N GLY D 63 -39.93 -11.27 -2.43
CA GLY D 63 -40.71 -10.14 -1.96
C GLY D 63 -40.09 -8.78 -2.22
N GLY D 64 -39.01 -8.70 -2.99
CA GLY D 64 -38.38 -7.45 -3.31
C GLY D 64 -38.84 -6.92 -4.67
N GLU D 65 -38.22 -5.81 -5.07
CA GLU D 65 -38.53 -5.14 -6.32
C GLU D 65 -37.26 -5.01 -7.16
N ALA D 66 -37.35 -5.41 -8.42
CA ALA D 66 -36.22 -5.29 -9.33
C ALA D 66 -36.74 -5.23 -10.76
N VAL D 67 -35.88 -4.74 -11.66
CA VAL D 67 -36.15 -4.72 -13.08
C VAL D 67 -34.83 -4.95 -13.81
N PHE D 68 -34.91 -5.58 -14.97
CA PHE D 68 -33.73 -5.85 -15.78
C PHE D 68 -33.66 -4.86 -16.95
N ILE D 69 -32.46 -4.33 -17.19
CA ILE D 69 -32.21 -3.49 -18.35
C ILE D 69 -30.94 -4.02 -19.02
N ARG D 70 -31.09 -4.49 -20.27
CA ARG D 70 -29.93 -5.02 -20.98
C ARG D 70 -28.95 -3.88 -21.30
N CYS D 71 -27.66 -4.15 -21.07
CA CYS D 71 -26.68 -3.11 -21.35
C CYS D 71 -25.32 -3.76 -21.52
N ASP D 72 -24.65 -3.40 -22.62
CA ASP D 72 -23.23 -3.64 -22.83
C ASP D 72 -22.49 -2.43 -22.27
N VAL D 73 -21.83 -2.61 -21.13
CA VAL D 73 -21.18 -1.47 -20.47
C VAL D 73 -20.00 -0.91 -21.24
N THR D 74 -19.55 -1.56 -22.32
CA THR D 74 -18.49 -0.99 -23.14
C THR D 74 -19.00 0.05 -24.14
N ARG D 75 -20.32 0.25 -24.22
CA ARG D 75 -20.94 1.10 -25.23
C ARG D 75 -21.52 2.32 -24.55
N ASP D 76 -20.97 3.50 -24.85
CA ASP D 76 -21.39 4.73 -24.18
C ASP D 76 -22.89 4.96 -24.29
N ALA D 77 -23.47 4.73 -25.47
CA ALA D 77 -24.89 5.04 -25.66
C ALA D 77 -25.76 4.13 -24.81
N GLU D 78 -25.35 2.87 -24.66
CA GLU D 78 -26.13 1.93 -23.86
C GLU D 78 -26.05 2.26 -22.38
N VAL D 79 -24.88 2.67 -21.90
CA VAL D 79 -24.74 3.02 -20.48
C VAL D 79 -25.55 4.27 -20.16
N LYS D 80 -25.53 5.26 -21.06
CA LYS D 80 -26.34 6.46 -20.88
C LYS D 80 -27.81 6.10 -20.79
N ALA D 81 -28.28 5.25 -21.71
CA ALA D 81 -29.66 4.80 -21.66
C ALA D 81 -29.95 3.98 -20.42
N LEU D 82 -28.96 3.22 -19.93
CA LEU D 82 -29.15 2.43 -18.72
C LEU D 82 -29.43 3.33 -17.52
N VAL D 83 -28.62 4.38 -17.35
CA VAL D 83 -28.83 5.29 -16.22
C VAL D 83 -30.13 6.05 -16.40
N GLU D 84 -30.47 6.43 -17.63
CA GLU D 84 -31.77 7.03 -17.88
C GLU D 84 -32.90 6.06 -17.53
N GLY D 85 -32.69 4.77 -17.78
CA GLY D 85 -33.68 3.77 -17.45
C GLY D 85 -33.88 3.59 -15.96
N CYS D 86 -32.82 3.78 -15.17
CA CYS D 86 -32.97 3.75 -13.71
C CYS D 86 -33.93 4.83 -13.24
N ALA D 87 -33.74 6.06 -13.74
CA ALA D 87 -34.61 7.16 -13.34
C ALA D 87 -36.03 6.96 -13.86
N ALA D 88 -36.17 6.41 -15.06
CA ALA D 88 -37.50 6.13 -15.59
C ALA D 88 -38.22 5.08 -14.76
N ALA D 89 -37.50 4.03 -14.34
CA ALA D 89 -38.14 2.95 -13.62
C ALA D 89 -38.45 3.33 -12.17
N TYR D 90 -37.52 4.03 -11.50
CA TYR D 90 -37.61 4.20 -10.06
C TYR D 90 -37.34 5.63 -9.59
N GLY D 91 -37.06 6.57 -10.49
CA GLY D 91 -37.04 7.98 -10.16
C GLY D 91 -35.69 8.54 -9.74
N ARG D 92 -34.72 7.70 -9.43
CA ARG D 92 -33.46 8.16 -8.87
C ARG D 92 -32.48 7.00 -8.90
N LEU D 93 -31.25 7.27 -8.48
CA LEU D 93 -30.23 6.23 -8.34
C LEU D 93 -29.38 6.57 -7.13
N ASP D 94 -29.55 5.82 -6.04
CA ASP D 94 -28.80 6.09 -4.82
C ASP D 94 -27.48 5.34 -4.77
N TYR D 95 -27.45 4.11 -5.28
CA TYR D 95 -26.31 3.22 -5.15
C TYR D 95 -25.98 2.61 -6.51
N ALA D 96 -24.70 2.53 -6.83
CA ALA D 96 -24.28 1.88 -8.07
C ALA D 96 -23.15 0.92 -7.76
N PHE D 97 -23.30 -0.33 -8.21
CA PHE D 97 -22.29 -1.37 -8.05
C PHE D 97 -21.81 -1.73 -9.46
N ASN D 98 -20.63 -1.22 -9.82
CA ASN D 98 -20.11 -1.36 -11.18
C ASN D 98 -19.22 -2.59 -11.17
N ASN D 99 -19.84 -3.73 -11.49
CA ASN D 99 -19.30 -5.03 -11.20
C ASN D 99 -19.05 -5.90 -12.43
N ALA D 100 -19.63 -5.54 -13.58
CA ALA D 100 -19.34 -6.26 -14.83
C ALA D 100 -17.84 -6.31 -15.08
N GLY D 101 -17.33 -7.48 -15.41
CA GLY D 101 -15.92 -7.61 -15.70
C GLY D 101 -15.66 -8.99 -16.26
N ILE D 102 -14.51 -9.13 -16.92
CA ILE D 102 -14.10 -10.42 -17.49
C ILE D 102 -12.65 -10.71 -17.10
N GLU D 103 -12.31 -12.00 -17.21
CA GLU D 103 -10.98 -12.50 -16.89
C GLU D 103 -10.74 -13.67 -17.83
N ILE D 104 -9.92 -13.44 -18.87
CA ILE D 104 -9.85 -14.38 -20.00
C ILE D 104 -8.42 -14.76 -20.37
N GLU D 105 -7.40 -14.23 -19.71
CA GLU D 105 -6.03 -14.48 -20.16
C GLU D 105 -5.61 -15.93 -19.95
N GLN D 106 -4.66 -16.37 -20.77
CA GLN D 106 -4.13 -17.72 -20.69
C GLN D 106 -2.63 -17.79 -20.51
N GLY D 107 -1.92 -16.66 -20.55
CA GLY D 107 -0.47 -16.73 -20.54
C GLY D 107 0.20 -15.60 -19.79
N LYS D 108 1.50 -15.75 -19.64
CA LYS D 108 2.34 -14.66 -19.15
C LYS D 108 2.27 -13.48 -20.11
N LEU D 109 2.78 -12.33 -19.67
CA LEU D 109 2.56 -11.10 -20.41
C LEU D 109 2.98 -11.23 -21.86
N ALA D 110 4.19 -11.76 -22.11
CA ALA D 110 4.67 -11.81 -23.48
C ALA D 110 3.90 -12.79 -24.35
N ASP D 111 3.07 -13.63 -23.75
CA ASP D 111 2.29 -14.62 -24.49
C ASP D 111 0.85 -14.19 -24.73
N GLY D 112 0.44 -13.02 -24.22
CA GLY D 112 -0.91 -12.57 -24.45
C GLY D 112 -1.06 -11.89 -25.80
N ASN D 113 -2.30 -11.61 -26.18
CA ASN D 113 -2.51 -11.00 -27.48
C ASN D 113 -3.38 -9.75 -27.36
N GLU D 114 -3.33 -8.95 -28.42
CA GLU D 114 -3.93 -7.63 -28.39
C GLU D 114 -5.45 -7.70 -28.34
N ALA D 115 -6.05 -8.75 -28.90
CA ALA D 115 -7.50 -8.91 -28.78
C ALA D 115 -7.92 -9.09 -27.33
N GLU D 116 -7.16 -9.89 -26.58
CA GLU D 116 -7.43 -10.05 -25.15
C GLU D 116 -7.26 -8.72 -24.42
N PHE D 117 -6.15 -8.02 -24.70
CA PHE D 117 -5.93 -6.72 -24.07
C PHE D 117 -7.12 -5.80 -24.28
N ASP D 118 -7.55 -5.67 -25.54
CA ASP D 118 -8.64 -4.74 -25.88
C ASP D 118 -9.93 -5.12 -25.18
N ALA D 119 -10.22 -6.42 -25.11
CA ALA D 119 -11.48 -6.89 -24.53
C ALA D 119 -11.50 -6.66 -23.03
N ILE D 120 -10.42 -7.03 -22.35
CA ILE D 120 -10.34 -6.86 -20.90
C ILE D 120 -10.41 -5.38 -20.52
N MET D 121 -9.66 -4.53 -21.23
CA MET D 121 -9.66 -3.11 -20.90
C MET D 121 -11.00 -2.46 -21.21
N ALA D 122 -11.68 -2.91 -22.27
CA ALA D 122 -12.98 -2.34 -22.62
C ALA D 122 -14.00 -2.58 -21.52
N VAL D 123 -14.15 -3.82 -21.06
CA VAL D 123 -15.16 -4.11 -20.04
C VAL D 123 -14.70 -3.60 -18.68
N ASN D 124 -13.47 -3.94 -18.29
CA ASN D 124 -13.09 -3.75 -16.89
C ASN D 124 -12.73 -2.32 -16.55
N VAL D 125 -12.18 -1.56 -17.51
CA VAL D 125 -11.82 -0.17 -17.27
C VAL D 125 -12.81 0.77 -17.94
N LYS D 126 -12.94 0.71 -19.27
CA LYS D 126 -13.87 1.61 -19.93
C LYS D 126 -15.28 1.43 -19.41
N GLY D 127 -15.69 0.18 -19.15
CA GLY D 127 -17.03 -0.06 -18.62
C GLY D 127 -17.27 0.64 -17.29
N VAL D 128 -16.30 0.55 -16.38
CA VAL D 128 -16.43 1.24 -15.09
C VAL D 128 -16.42 2.74 -15.29
N TRP D 129 -15.53 3.23 -16.17
CA TRP D 129 -15.46 4.68 -16.42
C TRP D 129 -16.78 5.20 -17.01
N LEU D 130 -17.30 4.53 -18.05
CA LEU D 130 -18.57 4.95 -18.64
C LEU D 130 -19.69 4.94 -17.61
N CYS D 131 -19.78 3.87 -16.83
CA CYS D 131 -20.82 3.77 -15.82
C CYS D 131 -20.74 4.94 -14.84
N MET D 132 -19.55 5.21 -14.28
CA MET D 132 -19.42 6.36 -13.38
C MET D 132 -19.74 7.68 -14.08
N LYS D 133 -19.30 7.81 -15.35
CA LYS D 133 -19.47 9.04 -16.10
C LYS D 133 -20.94 9.42 -16.21
N HIS D 134 -21.82 8.43 -16.33
CA HIS D 134 -23.25 8.70 -16.44
C HIS D 134 -23.99 8.59 -15.12
N GLN D 135 -23.47 7.82 -14.16
CA GLN D 135 -24.09 7.79 -12.84
C GLN D 135 -23.89 9.10 -12.08
N ILE D 136 -22.70 9.69 -12.18
CA ILE D 136 -22.34 10.81 -11.31
C ILE D 136 -23.26 12.01 -11.51
N PRO D 137 -23.60 12.41 -12.75
CA PRO D 137 -24.49 13.58 -12.89
C PRO D 137 -25.85 13.38 -12.25
N LEU D 138 -26.40 12.17 -12.33
CA LEU D 138 -27.66 11.90 -11.65
C LEU D 138 -27.52 12.05 -10.15
N MET D 139 -26.44 11.47 -9.58
CA MET D 139 -26.23 11.57 -8.15
C MET D 139 -25.94 13.00 -7.70
N LEU D 140 -25.24 13.78 -8.52
CA LEU D 140 -25.03 15.19 -8.20
C LEU D 140 -26.37 15.91 -8.06
N ALA D 141 -27.27 15.67 -9.02
CA ALA D 141 -28.56 16.34 -9.00
C ALA D 141 -29.39 15.97 -7.78
N GLN D 142 -29.16 14.79 -7.20
CA GLN D 142 -29.87 14.34 -6.01
C GLN D 142 -29.24 14.83 -4.73
N GLY D 143 -28.08 15.47 -4.81
CA GLY D 143 -27.35 15.82 -3.61
C GLY D 143 -26.65 14.65 -2.95
N GLY D 144 -26.40 13.57 -3.66
CA GLY D 144 -25.60 12.51 -3.09
C GLY D 144 -25.87 11.16 -3.69
N GLY D 145 -24.93 10.25 -3.44
CA GLY D 145 -25.03 8.89 -3.89
C GLY D 145 -23.76 8.16 -3.49
N ALA D 146 -23.78 6.85 -3.63
CA ALA D 146 -22.61 6.03 -3.32
C ALA D 146 -22.35 5.07 -4.46
N ILE D 147 -21.09 5.00 -4.89
CA ILE D 147 -20.66 4.11 -5.95
C ILE D 147 -19.68 3.10 -5.38
N VAL D 148 -19.84 1.83 -5.75
CA VAL D 148 -18.85 0.81 -5.44
C VAL D 148 -18.42 0.17 -6.75
N ASN D 149 -17.11 0.10 -6.97
CA ASN D 149 -16.55 -0.54 -8.15
C ASN D 149 -15.89 -1.85 -7.75
N THR D 150 -16.03 -2.88 -8.59
CA THR D 150 -15.38 -4.16 -8.30
C THR D 150 -13.96 -4.10 -8.84
N ALA D 151 -12.99 -4.03 -7.93
CA ALA D 151 -11.60 -4.23 -8.32
C ALA D 151 -11.26 -5.70 -8.10
N SER D 152 -10.19 -5.96 -7.37
CA SER D 152 -9.75 -7.34 -7.11
C SER D 152 -8.50 -7.24 -6.25
N VAL D 153 -8.12 -8.35 -5.62
CA VAL D 153 -6.76 -8.38 -5.06
C VAL D 153 -5.73 -8.15 -6.17
N ALA D 154 -6.07 -8.49 -7.41
CA ALA D 154 -5.18 -8.20 -8.54
C ALA D 154 -5.10 -6.71 -8.84
N GLY D 155 -5.92 -5.88 -8.18
CA GLY D 155 -5.77 -4.45 -8.24
C GLY D 155 -4.77 -3.90 -7.26
N LEU D 156 -4.28 -4.75 -6.36
CA LEU D 156 -3.40 -4.36 -5.27
C LEU D 156 -2.03 -5.03 -5.33
N GLY D 157 -1.82 -5.91 -6.30
CA GLY D 157 -0.56 -6.62 -6.40
C GLY D 157 -0.52 -7.42 -7.69
N ALA D 158 0.54 -8.20 -7.84
CA ALA D 158 0.73 -8.98 -9.06
C ALA D 158 -0.37 -10.03 -9.23
N ALA D 159 -0.69 -10.33 -10.49
CA ALA D 159 -1.53 -11.48 -10.84
C ALA D 159 -0.83 -12.23 -11.95
N PRO D 160 0.05 -13.17 -11.62
CA PRO D 160 0.81 -13.88 -12.66
C PRO D 160 -0.12 -14.67 -13.57
N LYS D 161 0.18 -14.64 -14.86
CA LYS D 161 -0.64 -15.15 -15.95
C LYS D 161 -1.97 -14.42 -16.06
N MET D 162 -2.11 -13.28 -15.38
CA MET D 162 -3.27 -12.41 -15.54
C MET D 162 -2.84 -10.95 -15.50
N SER D 163 -1.76 -10.63 -16.24
CA SER D 163 -1.18 -9.29 -16.13
C SER D 163 -2.10 -8.19 -16.66
N ILE D 164 -2.84 -8.47 -17.75
CA ILE D 164 -3.78 -7.48 -18.27
C ILE D 164 -4.92 -7.28 -17.28
N TYR D 165 -5.47 -8.38 -16.75
CA TYR D 165 -6.48 -8.29 -15.72
C TYR D 165 -6.00 -7.45 -14.54
N ALA D 166 -4.78 -7.72 -14.06
CA ALA D 166 -4.22 -6.94 -12.95
C ALA D 166 -4.15 -5.46 -13.30
N ALA D 167 -3.65 -5.15 -14.51
CA ALA D 167 -3.62 -3.77 -14.97
C ALA D 167 -5.02 -3.16 -14.93
N SER D 168 -6.02 -3.92 -15.38
CA SER D 168 -7.38 -3.37 -15.45
C SER D 168 -7.95 -3.11 -14.06
N LYS D 169 -7.64 -3.98 -13.11
CA LYS D 169 -8.19 -3.81 -11.77
C LYS D 169 -7.43 -2.75 -10.96
N HIS D 170 -6.12 -2.62 -11.19
CA HIS D 170 -5.41 -1.43 -10.69
C HIS D 170 -6.07 -0.16 -11.23
N ALA D 171 -6.37 -0.14 -12.53
CA ALA D 171 -6.99 1.04 -13.15
C ALA D 171 -8.32 1.38 -12.47
N VAL D 172 -9.12 0.37 -12.12
CA VAL D 172 -10.37 0.62 -11.42
C VAL D 172 -10.12 1.35 -10.11
N ILE D 173 -9.05 0.99 -9.40
CA ILE D 173 -8.75 1.68 -8.15
C ILE D 173 -8.37 3.13 -8.42
N GLY D 174 -7.61 3.38 -9.49
CA GLY D 174 -7.28 4.76 -9.85
C GLY D 174 -8.52 5.58 -10.17
N LEU D 175 -9.47 5.00 -10.91
CA LEU D 175 -10.70 5.72 -11.20
C LEU D 175 -11.46 5.99 -9.91
N THR D 176 -11.51 5.00 -9.04
CA THR D 176 -12.24 5.07 -7.78
C THR D 176 -11.70 6.20 -6.91
N LYS D 177 -10.39 6.20 -6.66
CA LYS D 177 -9.84 7.19 -5.76
C LYS D 177 -9.94 8.59 -6.35
N SER D 178 -9.71 8.71 -7.66
CA SER D 178 -9.77 10.03 -8.28
C SER D 178 -11.18 10.61 -8.20
N ALA D 179 -12.19 9.80 -8.55
CA ALA D 179 -13.56 10.28 -8.47
C ALA D 179 -13.98 10.57 -7.05
N ALA D 180 -13.51 9.76 -6.08
CA ALA D 180 -13.85 10.01 -4.68
C ALA D 180 -13.41 11.39 -4.26
N ILE D 181 -12.21 11.81 -4.68
CA ILE D 181 -11.72 13.12 -4.25
C ILE D 181 -12.43 14.23 -5.01
N GLU D 182 -12.70 14.00 -6.30
CA GLU D 182 -13.31 15.03 -7.15
C GLU D 182 -14.70 15.40 -6.65
N TYR D 183 -15.47 14.41 -6.21
CA TYR D 183 -16.88 14.62 -5.90
C TYR D 183 -17.17 14.55 -4.40
N ALA D 184 -16.13 14.57 -3.57
CA ALA D 184 -16.29 14.44 -2.13
C ALA D 184 -17.17 15.54 -1.55
N LYS D 185 -17.05 16.74 -2.09
CA LYS D 185 -17.80 17.87 -1.58
C LYS D 185 -19.13 18.03 -2.31
N LYS D 186 -19.53 17.03 -3.09
CA LYS D 186 -20.82 17.05 -3.78
C LYS D 186 -21.72 15.91 -3.33
N GLY D 187 -21.39 15.24 -2.23
CA GLY D 187 -22.25 14.22 -1.66
C GLY D 187 -22.09 12.84 -2.22
N ILE D 188 -21.11 12.62 -3.08
CA ILE D 188 -20.89 11.32 -3.70
C ILE D 188 -19.72 10.65 -3.02
N ARG D 189 -19.89 9.38 -2.66
CA ARG D 189 -18.81 8.56 -2.15
C ARG D 189 -18.47 7.51 -3.21
N VAL D 190 -17.19 7.21 -3.35
CA VAL D 190 -16.73 6.23 -4.34
C VAL D 190 -15.73 5.31 -3.68
N ASN D 191 -16.01 4.00 -3.68
CA ASN D 191 -15.12 3.01 -3.07
C ASN D 191 -15.01 1.82 -3.99
N ALA D 192 -14.02 0.98 -3.72
CA ALA D 192 -13.83 -0.24 -4.48
C ALA D 192 -13.79 -1.42 -3.52
N VAL D 193 -14.39 -2.54 -3.92
CA VAL D 193 -14.24 -3.79 -3.19
C VAL D 193 -13.22 -4.64 -3.95
N CYS D 194 -12.34 -5.30 -3.21
CA CYS D 194 -11.22 -6.05 -3.80
C CYS D 194 -11.32 -7.52 -3.41
N PRO D 195 -12.15 -8.30 -4.10
CA PRO D 195 -12.26 -9.73 -3.75
C PRO D 195 -11.02 -10.51 -4.16
N ALA D 196 -10.71 -11.54 -3.39
CA ALA D 196 -9.82 -12.58 -3.89
C ALA D 196 -10.67 -13.59 -4.66
N VAL D 197 -10.34 -14.88 -4.59
CA VAL D 197 -11.14 -15.86 -5.31
C VAL D 197 -12.47 -16.06 -4.59
N ILE D 198 -13.58 -16.00 -5.33
CA ILE D 198 -14.93 -16.11 -4.78
C ILE D 198 -15.62 -17.30 -5.44
N ASP D 199 -16.33 -18.10 -4.63
CA ASP D 199 -17.00 -19.32 -5.11
C ASP D 199 -18.33 -19.00 -5.78
N THR D 200 -18.28 -18.71 -7.07
CA THR D 200 -19.48 -18.50 -7.85
C THR D 200 -19.96 -19.83 -8.40
N ASP D 201 -21.19 -19.82 -8.94
CA ASP D 201 -21.70 -21.01 -9.62
C ASP D 201 -20.75 -21.47 -10.72
N MET D 202 -20.21 -20.53 -11.53
CA MET D 202 -19.25 -20.91 -12.57
C MET D 202 -17.96 -21.47 -12.00
N PHE D 203 -17.44 -20.88 -10.93
CA PHE D 203 -16.21 -21.42 -10.34
C PHE D 203 -16.45 -22.83 -9.83
N ARG D 204 -17.60 -23.06 -9.19
CA ARG D 204 -17.94 -24.38 -8.66
C ARG D 204 -18.03 -25.41 -9.78
N ARG D 205 -18.69 -25.06 -10.89
CA ARG D 205 -18.73 -25.98 -12.01
C ARG D 205 -17.32 -26.32 -12.47
N ALA D 206 -16.43 -25.33 -12.51
CA ALA D 206 -15.07 -25.57 -12.95
C ALA D 206 -14.33 -26.52 -12.01
N TYR D 207 -14.44 -26.33 -10.69
CA TYR D 207 -13.71 -27.24 -9.83
C TYR D 207 -14.42 -28.58 -9.63
N GLU D 208 -15.70 -28.69 -9.98
CA GLU D 208 -16.31 -30.01 -9.99
C GLU D 208 -15.73 -30.85 -11.11
N ALA D 209 -15.36 -30.21 -12.22
CA ALA D 209 -14.72 -30.92 -13.33
C ALA D 209 -13.23 -31.13 -13.08
N ASP D 210 -12.58 -30.21 -12.39
CA ASP D 210 -11.15 -30.33 -12.08
C ASP D 210 -10.95 -29.92 -10.63
N PRO D 211 -10.96 -30.88 -9.70
CA PRO D 211 -10.84 -30.56 -8.27
C PRO D 211 -9.55 -29.85 -7.91
N ARG D 212 -8.50 -29.97 -8.74
CA ARG D 212 -7.26 -29.27 -8.42
C ARG D 212 -7.49 -27.76 -8.34
N LYS D 213 -8.46 -27.25 -9.10
CA LYS D 213 -8.76 -25.83 -9.06
C LYS D 213 -9.26 -25.40 -7.68
N ALA D 214 -10.05 -26.24 -7.03
CA ALA D 214 -10.49 -25.93 -5.67
C ALA D 214 -9.34 -26.02 -4.68
N GLU D 215 -8.50 -27.06 -4.81
CA GLU D 215 -7.38 -27.21 -3.89
C GLU D 215 -6.41 -26.05 -4.02
N PHE D 216 -6.04 -25.71 -5.27
CA PHE D 216 -5.11 -24.61 -5.50
C PHE D 216 -5.70 -23.28 -5.04
N ALA D 217 -6.98 -23.02 -5.35
CA ALA D 217 -7.55 -21.73 -5.00
C ALA D 217 -7.64 -21.56 -3.49
N ALA D 218 -8.06 -22.60 -2.76
CA ALA D 218 -8.14 -22.48 -1.32
C ALA D 218 -6.76 -22.24 -0.72
N ALA D 219 -5.73 -22.86 -1.29
CA ALA D 219 -4.37 -22.70 -0.77
C ALA D 219 -3.80 -21.30 -1.03
N MET D 220 -4.39 -20.53 -1.94
CA MET D 220 -3.96 -19.17 -2.19
C MET D 220 -4.31 -18.20 -1.06
N HIS D 221 -5.18 -18.59 -0.14
CA HIS D 221 -5.65 -17.67 0.88
C HIS D 221 -5.25 -18.17 2.26
N PRO D 222 -4.77 -17.28 3.12
CA PRO D 222 -4.40 -17.72 4.49
C PRO D 222 -5.54 -18.38 5.23
N LEU D 223 -6.77 -17.93 5.02
CA LEU D 223 -7.92 -18.54 5.66
C LEU D 223 -8.11 -19.99 5.24
N GLY D 224 -7.54 -20.38 4.10
CA GLY D 224 -7.65 -21.76 3.67
C GLY D 224 -8.92 -22.09 2.94
N ARG D 225 -9.63 -21.08 2.44
CA ARG D 225 -10.83 -21.29 1.65
C ARG D 225 -10.94 -20.16 0.66
N VAL D 226 -11.86 -20.31 -0.29
CA VAL D 226 -12.25 -19.18 -1.14
C VAL D 226 -13.41 -18.43 -0.48
N GLY D 227 -13.70 -17.24 -1.00
CA GLY D 227 -14.74 -16.41 -0.42
C GLY D 227 -16.12 -16.78 -0.96
N ARG D 228 -17.14 -16.25 -0.31
CA ARG D 228 -18.52 -16.49 -0.67
C ARG D 228 -19.12 -15.24 -1.31
N VAL D 229 -20.06 -15.44 -2.25
CA VAL D 229 -20.68 -14.29 -2.89
C VAL D 229 -21.38 -13.41 -1.86
N GLU D 230 -21.92 -14.01 -0.80
CA GLU D 230 -22.58 -13.24 0.23
C GLU D 230 -21.60 -12.37 1.02
N GLU D 231 -20.33 -12.78 1.07
CA GLU D 231 -19.32 -11.98 1.76
C GLU D 231 -18.96 -10.75 0.95
N ILE D 232 -18.86 -10.89 -0.37
CA ILE D 232 -18.65 -9.70 -1.20
C ILE D 232 -19.88 -8.80 -1.12
N ALA D 233 -21.09 -9.37 -1.20
CA ALA D 233 -22.29 -8.56 -1.13
C ALA D 233 -22.33 -7.74 0.17
N ALA D 234 -21.96 -8.36 1.28
CA ALA D 234 -22.03 -7.67 2.56
C ALA D 234 -21.04 -6.52 2.62
N ALA D 235 -19.85 -6.69 2.01
CA ALA D 235 -18.89 -5.60 1.93
C ALA D 235 -19.43 -4.45 1.09
N VAL D 236 -20.08 -4.76 -0.03
CA VAL D 236 -20.65 -3.71 -0.86
C VAL D 236 -21.72 -2.96 -0.08
N LEU D 237 -22.56 -3.70 0.66
CA LEU D 237 -23.62 -3.01 1.40
C LEU D 237 -23.04 -2.20 2.55
N TYR D 238 -21.95 -2.66 3.17
CA TYR D 238 -21.29 -1.80 4.17
C TYR D 238 -20.85 -0.49 3.53
N LEU D 239 -20.19 -0.56 2.37
CA LEU D 239 -19.70 0.64 1.71
C LEU D 239 -20.82 1.56 1.27
N CYS D 240 -22.04 1.04 1.10
CA CYS D 240 -23.18 1.88 0.74
C CYS D 240 -23.99 2.32 1.96
N SER D 241 -23.65 1.83 3.16
CA SER D 241 -24.52 2.00 4.31
C SER D 241 -24.53 3.44 4.81
N ASP D 242 -25.61 3.80 5.51
CA ASP D 242 -25.76 5.16 6.02
C ASP D 242 -24.58 5.56 6.91
N ASN D 243 -24.13 4.64 7.76
CA ASN D 243 -23.06 4.98 8.68
C ASN D 243 -21.67 4.81 8.07
N ALA D 244 -21.59 4.58 6.75
CA ALA D 244 -20.32 4.62 6.04
C ALA D 244 -20.08 5.97 5.39
N GLY D 245 -20.73 7.02 5.89
CA GLY D 245 -20.64 8.34 5.28
C GLY D 245 -19.25 8.97 5.32
N PHE D 246 -18.38 8.51 6.21
CA PHE D 246 -17.00 8.99 6.27
C PHE D 246 -16.04 8.08 5.51
N THR D 247 -16.55 7.06 4.80
CA THR D 247 -15.72 6.08 4.12
C THR D 247 -15.79 6.36 2.62
N THR D 248 -14.68 6.85 2.07
CA THR D 248 -14.65 7.12 0.65
C THR D 248 -13.23 7.02 0.15
N GLY D 249 -13.09 6.61 -1.11
CA GLY D 249 -11.79 6.46 -1.73
C GLY D 249 -10.98 5.28 -1.25
N ILE D 250 -11.60 4.27 -0.65
CA ILE D 250 -10.83 3.13 -0.16
C ILE D 250 -10.98 1.95 -1.12
N ALA D 251 -10.02 1.03 -1.02
CA ALA D 251 -10.06 -0.24 -1.72
C ALA D 251 -10.10 -1.31 -0.64
N LEU D 252 -11.30 -1.89 -0.43
CA LEU D 252 -11.55 -2.80 0.70
C LEU D 252 -11.22 -4.23 0.29
N PRO D 253 -10.16 -4.84 0.81
CA PRO D 253 -9.88 -6.25 0.48
C PRO D 253 -10.82 -7.19 1.22
N VAL D 254 -11.42 -8.09 0.47
CA VAL D 254 -12.22 -9.18 1.01
C VAL D 254 -11.56 -10.44 0.47
N ASP D 255 -10.56 -10.94 1.20
CA ASP D 255 -9.55 -11.76 0.56
C ASP D 255 -8.98 -12.85 1.44
N GLY D 256 -9.59 -13.19 2.57
CA GLY D 256 -9.08 -14.26 3.40
C GLY D 256 -7.67 -14.06 3.88
N GLY D 257 -7.20 -12.81 3.93
CA GLY D 257 -5.86 -12.50 4.38
C GLY D 257 -4.83 -12.35 3.28
N ALA D 258 -5.22 -12.52 2.01
CA ALA D 258 -4.22 -12.67 0.95
C ALA D 258 -3.33 -11.44 0.83
N THR D 259 -3.90 -10.23 0.97
CA THR D 259 -3.06 -9.04 0.81
C THR D 259 -2.30 -8.68 2.07
N ALA D 260 -2.59 -9.34 3.20
CA ALA D 260 -1.85 -9.05 4.42
C ALA D 260 -0.46 -9.68 4.42
N ILE D 261 -0.21 -10.63 3.51
CA ILE D 261 1.05 -11.35 3.44
C ILE D 261 2.10 -10.47 2.81
#